data_9LRD
#
_entry.id   9LRD
#
_cell.length_a   1.00
_cell.length_b   1.00
_cell.length_c   1.00
_cell.angle_alpha   90.00
_cell.angle_beta   90.00
_cell.angle_gamma   90.00
#
_symmetry.space_group_name_H-M   'P 1'
#
loop_
_entity.id
_entity.type
_entity.pdbx_description
1 polymer 'Guanine nucleotide-binding protein G(i) subunit alpha-1'
2 polymer 'Guanine nucleotide-binding protein G(I)/G(S)/G(T) subunit beta-1'
3 polymer 'Guanine nucleotide-binding protein G(I)/G(S)/G(O) subunit gamma-2'
4 polymer scFv16
5 polymer 'Histamine H1 receptor,Genome polyprotein'
6 non-polymer HISTAMINE
#
loop_
_entity_poly.entity_id
_entity_poly.type
_entity_poly.pdbx_seq_one_letter_code
_entity_poly.pdbx_strand_id
1 'polypeptide(L)'
;MGCTLSAEDKAAVERSKMIDRNLREDGEKAAREVKLLLLGAGESGKSTIVKQMKIIHEAGYSEEECKQYKAVVYSNTIQS
IIAIIRAMGRLKIDFGDSARADDARQLFVLAGAAEEGFMTAELAGVIKRLWKDSGVQACFNRSREYQLNDSAAYYLNDLD
RIAQPNYIPTQQDVLRTRVKTTGIVETHFTFKDLHFKMFDVGGQRSERKKWIHCFEGVTAIIFCVALSDYDLVLAEDEEM
NRMHESMKLFDSICNNKWFTDTSIILFLNKKDLFEEKIKKSPLTICYPEYAGSNTYEEAAAYIQCQFEDLNKRKDTKEIY
THFTCATDTKNVQFVFDAVTDVIIKNNLKDCGLF
;
A
2 'polypeptide(L)'
;MHHHHHHGSLLQSELDQLRQEAEQLKNQIRDARKACADATLSQITNNIDPVGRIQMRTRRTLRGHLAKIYAMHWGTDSRL
LVSASQDGKLIIWDSYTTNKVHAIPLRSSWVMTCAYAPSGNYVACGGLDNICSIYNLKTREGNVRVSRELAGHTGYLSCC
RFLDDNQIVTSSGDTTCALWDIETGQQTTTFTGHTGDVMSLSLAPDTRLFVSGACDASAKLWDVREGMCRQTFTGHESDI
NAICFFPNGNAFATGSDDATCRLFDLRADQELMTYSHDNIICGITSVSFSKSGRLLLAGYDDFNCNVWDALKADRAGVLA
GHDNRVSCLGVTDDGMAVATGSWDSFLKIWN
;
B
3 'polypeptide(L)' MASNNTASIAQARKLVEQLKMEANIDRIKVSKAAADLMAYCEAHAKEDPLLTPVPASENPFREKKFFS C
4 'polypeptide(L)'
;DVQLVESGGGLVQPGGSRKLSCSASGFAFSSFGMHWVRQAPEKGLEWVAYISSGSGTIYYADTVKGRFTISRDDPKNTLF
LQMTSLRSEDTAMYYCVRSIYYYGSSPFDFWGQGTTLTVSSGGGGSGGGGSGGGGSDIVMTQATSSVPVTPGESVSISCR
SSKSLLHSNGNTYLYWFLQRPGQSPQLLIYRMSNLASGVPDRFSGSGSGTAFTLTISRLEAEDVGVYYCMQHLEYPLTFG
AGTKLELKAAAASSEDLYFQ
;
E
5 'polypeptide(L)'
;MKTIIALSYIFCLVFADYKDDDDKEFMSLPNSSCLLEDKMCEGNKTTMASPQLMPLVVVLSTICLVTVGLNLLVLYAVRS
ERKLHTVGNLYIVSLSVADLIVGAVVMPMNILYLLMSKWSLGRPLCLFWLSMDYVASTASIFSVFILCIDRYRSVQQPLR
YLKYRTKTRASATILGAWFLSFLWVIPILGWNHFMQQTSVRREDKCETDFYDVTWFKVMTAIINFYLPTLLMLWFYAKIY
KAVRQHCQHRELINRSLPSFSEIKLRPENPKGDAKKPGKESPWEVLKRKPKDAGGGSVLKSPSQTPKEMKSPVVFSQEDD
REVDKLYCFPLDIVHMQAAAEGSSRDYVAVNRSHGQLKTDEQGLNTHGASEISEDQMLGDSQSFSRTDSDTTTETAPGKG
KLRSGSNTGLDYIKFTWKRLRSHSRQYVSGLHMNRERKAAKQLGFIMAAFILCWIPYFIFFMVIAFCKNCCNEHLHMFTI
WLGYINSTLNPLIYPLCNENFKKTFKRILHIRSGGSGGGGSGGSSSGGGSSGGSGGGSGGSGGLEVLFQGPVSKGEELFT
GVVPILVELDGDVNGHKFSVSGEGEGDATYGKLTLKFICTTGKLPVPWPTLVTTLTYGVQCFSRYPDHMKQHDFFKSAMP
EGYVQERTIFFKDDGNYKTRAEVKFEGDTLVNRIELKGIDFKEDGNILGHKLEYNYNSHNVYIMADKQKNGIKVNFKIRH
NIEDGSVQLADHYQQNTPIGDGPVLLPDNHYLSTQSKLSKDPNEKRDHMVLLEFVTAAGITLGMDELYKSGLRSHHHHHH
HH
;
R
#
loop_
_chem_comp.id
_chem_comp.type
_chem_comp.name
_chem_comp.formula
HSM non-polymer HISTAMINE 'C5 H9 N3'
#
# COMPACT_ATOMS: atom_id res chain seq x y z
N CYS A 3 -19.18 -0.56 18.42
CA CYS A 3 -19.99 -1.68 18.96
C CYS A 3 -19.12 -2.73 19.60
N THR A 4 -19.72 -3.54 20.48
CA THR A 4 -19.02 -4.68 21.04
C THR A 4 -18.69 -5.67 19.92
N LEU A 5 -17.51 -6.27 20.04
CA LEU A 5 -17.01 -7.19 19.03
C LEU A 5 -16.79 -8.56 19.66
N SER A 6 -16.80 -9.59 18.81
CA SER A 6 -16.59 -10.95 19.29
C SER A 6 -15.14 -11.15 19.73
N ALA A 7 -14.95 -12.15 20.60
CA ALA A 7 -13.60 -12.47 21.03
C ALA A 7 -12.70 -12.76 19.83
N GLU A 8 -13.25 -13.38 18.80
CA GLU A 8 -12.49 -13.61 17.58
C GLU A 8 -12.42 -12.36 16.72
N ASP A 9 -13.58 -11.75 16.43
CA ASP A 9 -13.62 -10.61 15.53
C ASP A 9 -12.76 -9.46 16.06
N LYS A 10 -12.56 -9.40 17.38
CA LYS A 10 -11.57 -8.49 17.93
C LYS A 10 -10.16 -8.97 17.63
N ALA A 11 -9.91 -10.27 17.81
CA ALA A 11 -8.58 -10.81 17.57
C ALA A 11 -8.18 -10.64 16.11
N ALA A 12 -9.15 -10.69 15.20
CA ALA A 12 -8.86 -10.37 13.81
C ALA A 12 -8.43 -8.92 13.66
N VAL A 13 -9.09 -8.00 14.38
CA VAL A 13 -8.76 -6.59 14.26
C VAL A 13 -7.38 -6.31 14.83
N GLU A 14 -7.01 -7.00 15.92
CA GLU A 14 -5.69 -6.81 16.50
C GLU A 14 -4.60 -7.28 15.55
N ARG A 15 -4.85 -8.38 14.83
CA ARG A 15 -3.87 -8.88 13.87
C ARG A 15 -3.64 -7.86 12.76
N SER A 16 -4.71 -7.24 12.26
CA SER A 16 -4.57 -6.27 11.19
C SER A 16 -3.69 -5.10 11.60
N LYS A 17 -3.83 -4.64 12.85
CA LYS A 17 -2.98 -3.55 13.34
C LYS A 17 -1.52 -3.96 13.30
N MET A 18 -1.21 -5.19 13.72
CA MET A 18 0.18 -5.65 13.68
C MET A 18 0.70 -5.68 12.25
N ILE A 19 -0.13 -6.12 11.31
CA ILE A 19 0.25 -6.09 9.90
C ILE A 19 0.46 -4.65 9.45
N ASP A 20 -0.45 -3.76 9.87
CA ASP A 20 -0.34 -2.36 9.47
C ASP A 20 0.93 -1.72 10.00
N ARG A 21 1.31 -2.04 11.25
CA ARG A 21 2.51 -1.44 11.82
C ARG A 21 3.75 -1.85 11.03
N ASN A 22 3.86 -3.12 10.69
CA ASN A 22 5.06 -3.58 9.98
C ASN A 22 5.15 -2.97 8.60
N LEU A 23 4.02 -2.83 7.90
CA LEU A 23 4.04 -2.22 6.58
C LEU A 23 4.56 -0.79 6.65
N ARG A 24 4.06 -0.01 7.62
CA ARG A 24 4.55 1.35 7.78
C ARG A 24 6.03 1.37 8.15
N GLU A 25 6.43 0.50 9.07
CA GLU A 25 7.83 0.48 9.52
C GLU A 25 8.75 0.11 8.37
N ASP A 26 8.35 -0.85 7.53
CA ASP A 26 9.20 -1.24 6.40
C ASP A 26 9.36 -0.09 5.41
N GLY A 27 8.29 0.67 5.16
CA GLY A 27 8.39 1.77 4.22
C GLY A 27 9.40 2.82 4.65
N GLU A 28 9.57 3.00 5.97
CA GLU A 28 10.55 3.96 6.45
C GLU A 28 11.95 3.56 6.03
N LYS A 29 12.26 2.27 6.07
CA LYS A 29 13.58 1.80 5.66
C LYS A 29 13.80 2.00 4.17
N ALA A 30 12.74 1.86 3.37
CA ALA A 30 12.87 2.03 1.93
C ALA A 30 13.27 3.45 1.57
N ALA A 31 12.70 4.43 2.27
CA ALA A 31 13.00 5.83 1.96
C ALA A 31 14.41 6.23 2.36
N ARG A 32 15.13 5.38 3.11
CA ARG A 32 16.50 5.67 3.49
C ARG A 32 17.51 5.25 2.43
N GLU A 33 17.08 4.66 1.33
CA GLU A 33 17.96 4.16 0.29
C GLU A 33 17.90 5.05 -0.94
N VAL A 34 18.94 4.97 -1.75
CA VAL A 34 19.04 5.73 -2.99
C VAL A 34 18.88 4.76 -4.15
N LYS A 35 17.84 4.95 -4.95
CA LYS A 35 17.49 4.03 -6.03
C LYS A 35 17.97 4.61 -7.34
N LEU A 36 19.08 4.08 -7.85
CA LEU A 36 19.71 4.58 -9.08
C LEU A 36 19.44 3.59 -10.20
N LEU A 37 18.67 4.03 -11.19
CA LEU A 37 18.47 3.22 -12.39
C LEU A 37 19.72 3.25 -13.25
N LEU A 38 20.23 2.07 -13.56
CA LEU A 38 21.47 1.92 -14.32
C LEU A 38 21.14 1.55 -15.75
N LEU A 39 21.69 2.30 -16.71
CA LEU A 39 21.45 2.08 -18.12
C LEU A 39 22.78 2.02 -18.85
N GLY A 40 22.73 1.48 -20.06
CA GLY A 40 23.93 1.40 -20.89
C GLY A 40 23.56 0.97 -22.29
N ALA A 41 24.44 1.30 -23.23
CA ALA A 41 24.25 0.92 -24.61
C ALA A 41 24.95 -0.41 -24.89
N GLY A 42 24.68 -0.97 -26.07
CA GLY A 42 25.23 -2.27 -26.42
C GLY A 42 26.74 -2.24 -26.44
N GLU A 43 27.35 -3.21 -25.75
CA GLU A 43 28.80 -3.39 -25.74
C GLU A 43 29.52 -2.10 -25.34
N SER A 44 28.98 -1.43 -24.31
CA SER A 44 29.60 -0.24 -23.77
C SER A 44 30.55 -0.52 -22.61
N GLY A 45 30.44 -1.69 -22.00
CA GLY A 45 31.20 -2.00 -20.80
C GLY A 45 30.34 -1.83 -19.56
N LYS A 46 29.82 -2.93 -19.05
CA LYS A 46 28.89 -2.89 -17.93
C LYS A 46 29.25 -3.86 -16.81
N SER A 47 30.21 -4.75 -17.01
CA SER A 47 30.70 -5.66 -15.97
C SER A 47 32.00 -5.16 -15.35
N THR A 48 32.29 -3.86 -15.50
CA THR A 48 33.50 -3.28 -14.94
C THR A 48 33.25 -2.14 -13.97
N ILE A 49 32.12 -1.43 -14.08
CA ILE A 49 31.79 -0.37 -13.15
C ILE A 49 31.07 -0.99 -11.96
N VAL A 50 30.25 -1.99 -12.22
CA VAL A 50 29.60 -2.73 -11.14
C VAL A 50 30.61 -3.45 -10.26
N LYS A 51 31.69 -3.97 -10.82
CA LYS A 51 32.74 -4.57 -10.03
C LYS A 51 33.43 -3.54 -9.13
N GLN A 52 33.64 -2.32 -9.64
CA GLN A 52 34.29 -1.29 -8.84
C GLN A 52 33.48 -0.96 -7.59
N MET A 53 32.19 -1.26 -7.59
CA MET A 53 31.35 -0.98 -6.43
C MET A 53 31.75 -1.89 -5.27
N LYS A 54 31.39 -1.47 -4.07
CA LYS A 54 31.70 -2.21 -2.84
C LYS A 54 30.81 -3.44 -2.79
N ILE A 55 31.36 -4.57 -3.24
CA ILE A 55 30.63 -5.83 -3.25
C ILE A 55 31.49 -6.92 -2.63
N THR A 182 17.40 -14.23 -17.06
CA THR A 182 16.98 -13.39 -15.95
C THR A 182 16.61 -11.99 -16.44
N GLY A 183 15.73 -11.33 -15.69
CA GLY A 183 15.31 -9.98 -16.03
C GLY A 183 16.07 -8.93 -15.26
N ILE A 184 15.35 -8.12 -14.47
CA ILE A 184 15.98 -7.09 -13.66
C ILE A 184 17.08 -7.71 -12.82
N VAL A 185 18.17 -6.96 -12.65
CA VAL A 185 19.29 -7.36 -11.83
C VAL A 185 19.61 -6.21 -10.87
N GLU A 186 19.22 -6.39 -9.61
CA GLU A 186 19.37 -5.36 -8.59
C GLU A 186 20.68 -5.57 -7.83
N THR A 187 21.39 -4.49 -7.56
CA THR A 187 22.69 -4.54 -6.90
C THR A 187 22.68 -3.67 -5.66
N HIS A 188 23.32 -4.14 -4.60
CA HIS A 188 23.46 -3.40 -3.37
C HIS A 188 24.92 -3.08 -3.11
N PHE A 189 25.17 -1.86 -2.62
CA PHE A 189 26.51 -1.48 -2.18
C PHE A 189 26.39 -0.28 -1.25
N THR A 190 26.77 -0.47 0.00
CA THR A 190 26.71 0.59 1.02
C THR A 190 28.03 1.34 1.00
N PHE A 191 27.98 2.62 0.61
CA PHE A 191 29.17 3.45 0.48
C PHE A 191 29.01 4.69 1.33
N LYS A 192 29.89 4.85 2.33
CA LYS A 192 29.93 6.04 3.16
C LYS A 192 28.55 6.36 3.74
N ASP A 193 27.97 5.37 4.44
CA ASP A 193 26.73 5.50 5.17
C ASP A 193 25.51 5.70 4.27
N LEU A 194 25.64 5.45 2.97
CA LEU A 194 24.51 5.44 2.06
C LEU A 194 24.30 4.03 1.52
N HIS A 195 23.05 3.57 1.57
CA HIS A 195 22.68 2.28 1.01
C HIS A 195 22.16 2.51 -0.41
N PHE A 196 22.93 2.10 -1.40
CA PHE A 196 22.60 2.32 -2.80
C PHE A 196 21.96 1.06 -3.38
N LYS A 197 20.85 1.24 -4.08
CA LYS A 197 20.25 0.20 -4.89
C LYS A 197 20.38 0.58 -6.36
N MET A 198 21.00 -0.30 -7.14
CA MET A 198 21.24 -0.05 -8.56
C MET A 198 20.56 -1.14 -9.36
N PHE A 199 19.54 -0.76 -10.12
CA PHE A 199 18.74 -1.71 -10.89
C PHE A 199 19.22 -1.71 -12.33
N ASP A 200 19.88 -2.78 -12.72
CA ASP A 200 20.34 -2.94 -14.10
C ASP A 200 19.17 -3.31 -15.01
N VAL A 201 19.38 -3.13 -16.31
CA VAL A 201 18.35 -3.41 -17.31
C VAL A 201 18.84 -4.40 -18.36
N GLY A 202 20.05 -4.94 -18.20
CA GLY A 202 20.61 -5.83 -19.20
C GLY A 202 20.02 -7.22 -19.21
N GLY A 203 18.89 -7.40 -18.53
CA GLY A 203 18.20 -8.68 -18.54
C GLY A 203 16.93 -8.64 -19.36
N GLN A 204 16.29 -7.47 -19.42
CA GLN A 204 15.09 -7.30 -20.22
C GLN A 204 15.46 -7.17 -21.70
N ARG A 205 14.68 -7.84 -22.54
CA ARG A 205 14.94 -7.87 -23.97
C ARG A 205 13.90 -7.06 -24.73
N SER A 206 12.65 -7.11 -24.27
CA SER A 206 11.59 -6.33 -24.88
C SER A 206 11.85 -4.85 -24.64
N GLU A 207 12.11 -4.10 -25.72
CA GLU A 207 12.41 -2.68 -25.64
C GLU A 207 11.18 -1.81 -25.78
N ARG A 208 10.01 -2.34 -25.46
CA ARG A 208 8.78 -1.56 -25.56
C ARG A 208 8.66 -0.51 -24.47
N LYS A 209 9.47 -0.60 -23.42
CA LYS A 209 9.44 0.37 -22.33
C LYS A 209 8.03 0.54 -21.78
N LYS A 210 7.35 -0.59 -21.57
CA LYS A 210 6.13 -0.63 -20.78
C LYS A 210 6.42 -0.84 -19.30
N TRP A 211 7.70 -0.83 -18.92
CA TRP A 211 8.13 -1.02 -17.55
C TRP A 211 9.01 0.10 -17.02
N ILE A 212 9.31 1.12 -17.84
CA ILE A 212 10.12 2.23 -17.36
C ILE A 212 9.39 3.00 -16.27
N HIS A 213 8.09 3.22 -16.43
CA HIS A 213 7.33 3.99 -15.45
C HIS A 213 7.43 3.40 -14.07
N CYS A 214 7.71 2.09 -13.97
CA CYS A 214 7.94 1.47 -12.68
C CYS A 214 9.17 2.02 -11.99
N PHE A 215 10.01 2.74 -12.72
CA PHE A 215 11.25 3.31 -12.19
C PHE A 215 11.13 4.80 -11.94
N GLU A 216 9.92 5.29 -11.69
CA GLU A 216 9.72 6.64 -11.21
C GLU A 216 10.27 6.77 -9.81
N GLY A 217 10.73 7.98 -9.49
CA GLY A 217 11.25 8.23 -8.16
C GLY A 217 12.67 7.77 -7.92
N VAL A 218 13.33 7.22 -8.91
CA VAL A 218 14.74 6.91 -8.79
C VAL A 218 15.50 8.21 -8.58
N THR A 219 16.58 8.14 -7.79
CA THR A 219 17.31 9.35 -7.45
C THR A 219 18.31 9.73 -8.54
N ALA A 220 18.38 8.92 -9.59
CA ALA A 220 19.24 9.24 -10.73
C ALA A 220 19.04 8.22 -11.85
N ILE A 221 19.71 8.42 -12.97
CA ILE A 221 19.77 7.45 -14.05
C ILE A 221 21.22 7.38 -14.50
N ILE A 222 21.97 6.39 -14.01
CA ILE A 222 23.38 6.28 -14.36
C ILE A 222 23.47 5.74 -15.79
N PHE A 223 23.67 6.63 -16.75
CA PHE A 223 23.76 6.25 -18.14
C PHE A 223 25.22 6.10 -18.54
N CYS A 224 25.58 4.91 -19.02
CA CYS A 224 26.97 4.56 -19.30
C CYS A 224 27.13 4.41 -20.81
N VAL A 225 27.91 5.32 -21.41
CA VAL A 225 28.31 5.22 -22.81
C VAL A 225 29.79 5.59 -22.89
N ALA A 226 30.57 4.75 -23.56
CA ALA A 226 32.01 4.94 -23.65
C ALA A 226 32.36 5.55 -25.01
N LEU A 227 33.65 5.89 -25.18
CA LEU A 227 34.11 6.50 -26.41
C LEU A 227 34.29 5.51 -27.55
N SER A 228 34.36 4.21 -27.25
CA SER A 228 34.50 3.18 -28.27
C SER A 228 33.16 2.70 -28.80
N ASP A 229 32.12 3.54 -28.72
CA ASP A 229 30.78 3.11 -29.09
C ASP A 229 30.57 3.04 -30.60
N TYR A 230 31.45 3.65 -31.39
CA TYR A 230 31.36 3.60 -32.85
C TYR A 230 32.25 2.51 -33.45
N ASP A 231 32.53 1.47 -32.67
CA ASP A 231 33.29 0.32 -33.17
C ASP A 231 32.38 -0.79 -33.69
N LEU A 232 31.23 -1.00 -33.05
CA LEU A 232 30.29 -2.03 -33.48
C LEU A 232 29.62 -1.63 -34.80
N ASN A 241 26.41 2.44 -36.84
CA ASN A 241 26.33 3.85 -36.44
C ASN A 241 25.87 3.98 -35.00
N ARG A 242 26.58 4.82 -34.23
CA ARG A 242 26.22 5.08 -32.85
C ARG A 242 25.43 6.36 -32.66
N MET A 243 25.51 7.29 -33.61
CA MET A 243 24.87 8.59 -33.44
C MET A 243 23.36 8.44 -33.29
N HIS A 244 22.73 7.74 -34.23
CA HIS A 244 21.27 7.60 -34.18
C HIS A 244 20.83 6.87 -32.91
N GLU A 245 21.43 5.70 -32.66
CA GLU A 245 21.01 4.90 -31.49
C GLU A 245 21.28 5.64 -30.19
N SER A 246 22.48 6.21 -30.04
CA SER A 246 22.83 6.85 -28.77
C SER A 246 21.97 8.08 -28.52
N MET A 247 21.89 8.97 -29.51
CA MET A 247 21.10 10.18 -29.32
C MET A 247 19.60 9.87 -29.21
N LYS A 248 19.14 8.80 -29.87
CA LYS A 248 17.74 8.41 -29.72
C LYS A 248 17.46 7.88 -28.32
N LEU A 249 18.46 7.24 -27.69
CA LEU A 249 18.28 6.77 -26.32
C LEU A 249 18.14 7.93 -25.35
N PHE A 250 19.07 8.89 -25.40
CA PHE A 250 19.02 10.02 -24.49
C PHE A 250 17.80 10.90 -24.76
N ASP A 251 17.45 11.11 -26.02
CA ASP A 251 16.22 11.80 -26.33
C ASP A 251 15.00 11.04 -25.81
N SER A 252 15.12 9.73 -25.60
CA SER A 252 14.02 8.95 -25.06
C SER A 252 13.81 9.24 -23.58
N ILE A 253 14.90 9.27 -22.80
CA ILE A 253 14.76 9.46 -21.36
C ILE A 253 14.63 10.93 -20.98
N CYS A 254 15.05 11.85 -21.85
CA CYS A 254 14.79 13.27 -21.64
C CYS A 254 13.43 13.69 -22.14
N ASN A 255 12.75 12.83 -22.91
CA ASN A 255 11.37 13.06 -23.34
C ASN A 255 10.35 12.37 -22.45
N ASN A 256 10.73 11.25 -21.82
CA ASN A 256 9.83 10.57 -20.91
C ASN A 256 9.36 11.52 -19.83
N LYS A 257 8.04 11.60 -19.65
CA LYS A 257 7.50 12.45 -18.60
C LYS A 257 7.99 12.00 -17.23
N TRP A 258 8.31 10.72 -17.09
CA TRP A 258 8.65 10.16 -15.78
C TRP A 258 10.07 10.50 -15.34
N PHE A 259 10.97 10.73 -16.29
CA PHE A 259 12.38 10.90 -16.00
C PHE A 259 12.89 12.32 -16.21
N THR A 260 12.08 13.21 -16.77
CA THR A 260 12.56 14.54 -17.15
C THR A 260 13.00 15.39 -15.97
N ASP A 261 12.57 15.07 -14.75
CA ASP A 261 12.94 15.82 -13.57
C ASP A 261 13.94 15.09 -12.68
N THR A 262 14.50 13.98 -13.15
CA THR A 262 15.53 13.24 -12.44
C THR A 262 16.87 13.44 -13.13
N SER A 263 17.90 13.74 -12.34
CA SER A 263 19.23 13.94 -12.89
C SER A 263 19.72 12.67 -13.56
N ILE A 264 20.55 12.82 -14.57
CA ILE A 264 21.10 11.71 -15.34
C ILE A 264 22.62 11.79 -15.19
N ILE A 265 23.19 10.87 -14.43
CA ILE A 265 24.64 10.79 -14.30
C ILE A 265 25.18 10.12 -15.56
N LEU A 266 26.04 10.82 -16.28
CA LEU A 266 26.65 10.31 -17.51
C LEU A 266 28.06 9.84 -17.19
N PHE A 267 28.39 8.63 -17.66
CA PHE A 267 29.68 8.02 -17.36
C PHE A 267 30.45 7.78 -18.64
N LEU A 268 31.71 8.18 -18.65
CA LEU A 268 32.69 7.82 -19.68
C LEU A 268 33.93 7.41 -18.90
N ASN A 269 34.03 6.12 -18.59
CA ASN A 269 34.85 5.67 -17.47
C ASN A 269 36.33 5.54 -17.85
N LYS A 270 36.65 4.69 -18.82
CA LYS A 270 38.03 4.26 -19.02
C LYS A 270 38.81 5.32 -19.79
N LYS A 271 40.14 5.17 -19.77
CA LYS A 271 41.03 6.02 -20.56
C LYS A 271 42.11 5.18 -21.21
N ASP A 272 41.86 3.87 -21.35
CA ASP A 272 42.83 2.95 -21.91
C ASP A 272 42.74 2.81 -23.42
N LEU A 273 41.53 2.94 -23.98
CA LEU A 273 41.34 2.88 -25.42
C LEU A 273 40.72 4.14 -25.99
N PHE A 274 40.43 5.14 -25.16
CA PHE A 274 39.73 6.32 -25.65
C PHE A 274 40.63 7.21 -26.51
N GLU A 275 41.95 7.04 -26.43
CA GLU A 275 42.87 7.85 -27.21
C GLU A 275 43.43 7.14 -28.43
N GLU A 276 43.57 5.82 -28.37
CA GLU A 276 44.27 5.08 -29.42
C GLU A 276 43.44 4.87 -30.67
N LYS A 277 42.14 5.10 -30.63
CA LYS A 277 41.29 4.95 -31.80
C LYS A 277 40.75 6.27 -32.33
N ILE A 278 40.95 7.38 -31.61
CA ILE A 278 40.52 8.68 -32.12
C ILE A 278 41.37 9.08 -33.32
N LYS A 279 42.66 8.76 -33.28
CA LYS A 279 43.61 9.17 -34.31
C LYS A 279 43.50 8.37 -35.60
N LYS A 280 42.58 7.41 -35.68
CA LYS A 280 42.43 6.64 -36.90
C LYS A 280 42.00 7.52 -38.06
N SER A 281 41.10 8.46 -37.81
CA SER A 281 40.57 9.34 -38.83
C SER A 281 39.64 10.37 -38.19
N PRO A 282 39.33 11.47 -38.86
CA PRO A 282 38.29 12.38 -38.36
C PRO A 282 36.98 11.63 -38.14
N LEU A 283 36.06 12.30 -37.46
CA LEU A 283 34.81 11.67 -37.07
C LEU A 283 33.76 11.76 -38.18
N THR A 284 34.21 11.97 -39.42
CA THR A 284 33.32 11.98 -40.56
C THR A 284 32.84 10.59 -40.95
N ILE A 285 33.42 9.54 -40.36
CA ILE A 285 33.03 8.18 -40.71
C ILE A 285 31.55 7.96 -40.38
N CYS A 286 31.12 8.40 -39.20
CA CYS A 286 29.72 8.23 -38.80
C CYS A 286 29.17 9.45 -38.07
N TYR A 287 29.90 10.56 -37.99
CA TYR A 287 29.46 11.77 -37.30
C TYR A 287 29.63 12.94 -38.25
N PRO A 288 28.71 13.11 -39.20
CA PRO A 288 28.85 14.20 -40.18
C PRO A 288 28.78 15.60 -39.60
N GLU A 289 28.26 15.76 -38.38
CA GLU A 289 28.10 17.09 -37.79
C GLU A 289 29.42 17.83 -37.66
N TYR A 290 30.52 17.12 -37.38
CA TYR A 290 31.82 17.73 -37.16
C TYR A 290 32.81 17.21 -38.18
N ALA A 291 33.56 18.14 -38.78
CA ALA A 291 34.59 17.79 -39.77
C ALA A 291 35.85 18.60 -39.51
N GLY A 292 36.17 18.83 -38.24
CA GLY A 292 37.34 19.60 -37.87
C GLY A 292 38.41 18.76 -37.21
N SER A 293 39.37 19.42 -36.55
CA SER A 293 40.44 18.70 -35.88
C SER A 293 39.87 17.80 -34.79
N ASN A 294 40.49 16.63 -34.63
CA ASN A 294 40.03 15.61 -33.68
C ASN A 294 41.18 15.27 -32.74
N THR A 295 41.25 15.97 -31.62
CA THR A 295 42.12 15.61 -30.51
C THR A 295 41.31 14.77 -29.53
N TYR A 296 41.91 14.47 -28.36
CA TYR A 296 41.22 13.67 -27.37
C TYR A 296 40.20 14.49 -26.59
N GLU A 297 40.68 15.51 -25.85
CA GLU A 297 39.79 16.29 -25.01
C GLU A 297 38.90 17.21 -25.82
N GLU A 298 39.44 17.87 -26.85
CA GLU A 298 38.64 18.81 -27.63
C GLU A 298 37.45 18.10 -28.28
N ALA A 299 37.70 16.98 -28.95
CA ALA A 299 36.60 16.20 -29.50
C ALA A 299 35.69 15.67 -28.41
N ALA A 300 36.27 15.19 -27.30
CA ALA A 300 35.44 14.76 -26.17
C ALA A 300 34.49 15.86 -25.74
N ALA A 301 34.95 17.11 -25.76
CA ALA A 301 34.07 18.22 -25.44
C ALA A 301 32.94 18.33 -26.44
N TYR A 302 33.23 18.08 -27.72
CA TYR A 302 32.19 18.16 -28.74
C TYR A 302 31.08 17.14 -28.46
N ILE A 303 31.46 15.92 -28.09
CA ILE A 303 30.46 14.89 -27.77
C ILE A 303 29.59 15.35 -26.60
N GLN A 304 30.24 15.90 -25.56
CA GLN A 304 29.48 16.50 -24.47
C GLN A 304 28.71 17.73 -24.93
N CYS A 305 29.33 18.57 -25.77
CA CYS A 305 28.66 19.79 -26.21
C CYS A 305 27.39 19.45 -26.99
N GLN A 306 27.48 18.51 -27.93
CA GLN A 306 26.27 18.07 -28.62
C GLN A 306 25.33 17.34 -27.67
N PHE A 307 25.86 16.74 -26.62
CA PHE A 307 25.03 16.01 -25.67
C PHE A 307 23.97 16.91 -25.05
N GLU A 308 24.40 18.03 -24.44
CA GLU A 308 23.45 18.89 -23.75
C GLU A 308 22.36 19.36 -24.70
N ASP A 309 22.65 19.45 -26.01
CA ASP A 309 21.61 19.73 -26.98
C ASP A 309 20.54 18.65 -26.99
N LEU A 310 20.90 17.42 -26.65
CA LEU A 310 19.88 16.37 -26.50
C LEU A 310 18.90 16.70 -25.39
N ASN A 311 19.40 17.20 -24.26
CA ASN A 311 18.54 17.56 -23.14
C ASN A 311 17.57 18.66 -23.58
N LYS A 312 16.29 18.31 -23.69
CA LYS A 312 15.30 19.26 -24.18
C LYS A 312 15.01 20.35 -23.16
N ARG A 313 15.12 20.06 -21.87
CA ARG A 313 14.81 21.02 -20.82
C ARG A 313 15.83 20.84 -19.70
N LYS A 314 16.73 21.81 -19.57
CA LYS A 314 17.73 21.81 -18.51
C LYS A 314 17.29 22.63 -17.30
N ASP A 315 16.02 23.03 -17.24
CA ASP A 315 15.55 23.82 -16.11
C ASP A 315 15.47 23.00 -14.83
N THR A 316 15.08 21.73 -14.94
CA THR A 316 14.85 20.88 -13.78
C THR A 316 15.97 19.87 -13.55
N LYS A 317 16.29 19.06 -14.55
CA LYS A 317 17.30 18.02 -14.40
C LYS A 317 18.67 18.55 -14.81
N GLU A 318 19.69 17.77 -14.48
CA GLU A 318 21.08 18.18 -14.67
C GLU A 318 21.92 16.96 -14.99
N ILE A 319 22.70 17.04 -16.07
CA ILE A 319 23.64 15.99 -16.41
C ILE A 319 24.92 16.19 -15.61
N TYR A 320 25.42 15.12 -15.00
CA TYR A 320 26.69 15.15 -14.28
C TYR A 320 27.66 14.23 -15.01
N THR A 321 28.31 14.78 -16.04
CA THR A 321 29.18 13.96 -16.89
C THR A 321 30.49 13.68 -16.19
N HIS A 322 31.08 12.52 -16.50
CA HIS A 322 32.32 12.08 -15.89
C HIS A 322 33.30 11.66 -16.97
N PHE A 323 34.52 12.18 -16.91
CA PHE A 323 35.61 11.82 -17.80
C PHE A 323 36.80 11.49 -16.90
N THR A 324 37.09 10.19 -16.76
CA THR A 324 38.08 9.75 -15.79
C THR A 324 38.91 8.58 -16.30
N CYS A 325 39.73 8.01 -15.43
CA CYS A 325 40.52 6.82 -15.72
C CYS A 325 39.97 5.68 -14.86
N ALA A 326 39.41 4.66 -15.52
CA ALA A 326 38.79 3.55 -14.82
C ALA A 326 39.88 2.65 -14.24
N THR A 327 40.56 3.17 -13.22
CA THR A 327 41.65 2.48 -12.55
C THR A 327 41.45 2.36 -11.05
N ASP A 328 40.52 3.09 -10.46
CA ASP A 328 40.35 3.12 -9.02
C ASP A 328 38.88 3.36 -8.72
N THR A 329 38.58 3.81 -7.50
CA THR A 329 37.22 4.01 -7.03
C THR A 329 36.63 5.31 -7.56
N LYS A 330 37.22 5.86 -8.63
CA LYS A 330 36.75 7.12 -9.18
C LYS A 330 35.24 7.09 -9.45
N ASN A 331 34.76 6.01 -10.07
CA ASN A 331 33.36 5.96 -10.46
C ASN A 331 32.44 6.04 -9.25
N VAL A 332 32.76 5.30 -8.19
CA VAL A 332 31.89 5.28 -7.02
C VAL A 332 31.78 6.67 -6.40
N GLN A 333 32.92 7.34 -6.25
CA GLN A 333 32.92 8.65 -5.60
C GLN A 333 32.09 9.66 -6.39
N PHE A 334 32.19 9.63 -7.72
CA PHE A 334 31.46 10.61 -8.52
C PHE A 334 29.95 10.44 -8.38
N VAL A 335 29.46 9.19 -8.33
CA VAL A 335 28.03 9.00 -8.12
C VAL A 335 27.62 9.46 -6.74
N PHE A 336 28.48 9.25 -5.74
CA PHE A 336 28.17 9.73 -4.40
C PHE A 336 28.05 11.25 -4.39
N ASP A 337 28.98 11.95 -5.03
CA ASP A 337 28.88 13.39 -5.13
C ASP A 337 27.66 13.80 -5.96
N ALA A 338 27.46 13.15 -7.11
CA ALA A 338 26.29 13.45 -7.92
C ALA A 338 25.01 13.03 -7.22
N VAL A 339 25.12 12.21 -6.16
CA VAL A 339 23.94 11.80 -5.42
C VAL A 339 23.66 12.78 -4.29
N THR A 340 24.71 13.32 -3.66
CA THR A 340 24.52 14.37 -2.66
C THR A 340 23.97 15.64 -3.31
N ASP A 341 24.48 15.99 -4.48
CA ASP A 341 24.07 17.24 -5.11
C ASP A 341 22.62 17.18 -5.59
N VAL A 342 22.14 15.99 -5.96
CA VAL A 342 20.75 15.86 -6.38
C VAL A 342 19.82 15.85 -5.17
N ILE A 343 20.26 15.21 -4.07
CA ILE A 343 19.46 15.21 -2.85
C ILE A 343 19.35 16.62 -2.28
N ILE A 344 20.49 17.31 -2.14
CA ILE A 344 20.48 18.63 -1.53
C ILE A 344 19.65 19.59 -2.36
N LYS A 345 19.71 19.48 -3.69
CA LYS A 345 18.89 20.32 -4.55
C LYS A 345 17.41 19.96 -4.41
N ASN A 346 17.10 18.70 -4.10
CA ASN A 346 15.71 18.30 -3.93
C ASN A 346 15.13 18.90 -2.65
N ASN A 347 15.94 19.03 -1.60
CA ASN A 347 15.46 19.62 -0.36
C ASN A 347 15.00 21.06 -0.59
N LEU A 348 15.80 21.84 -1.32
CA LEU A 348 15.47 23.24 -1.52
C LEU A 348 14.14 23.40 -2.25
N LYS A 349 13.91 22.59 -3.27
CA LYS A 349 12.62 22.65 -3.97
C LYS A 349 11.46 22.36 -3.02
N ASP A 350 11.71 21.55 -1.99
CA ASP A 350 10.71 21.33 -0.95
C ASP A 350 10.58 22.54 -0.04
N CYS A 351 11.70 23.20 0.27
CA CYS A 351 11.67 24.45 1.02
C CYS A 351 11.17 25.62 0.18
N GLY A 352 11.10 25.47 -1.14
CA GLY A 352 10.64 26.53 -2.01
C GLY A 352 11.70 27.54 -2.38
N LEU A 353 12.98 27.24 -2.16
CA LEU A 353 14.07 28.18 -2.46
C LEU A 353 14.66 27.96 -3.84
N PHE A 354 15.15 26.76 -4.13
CA PHE A 354 15.78 26.48 -5.41
C PHE A 354 14.72 26.22 -6.49
N ASP B 16 6.55 -14.40 -55.04
CA ASP B 16 6.17 -15.13 -53.81
C ASP B 16 4.89 -15.93 -54.04
N GLN B 17 4.81 -17.10 -53.40
CA GLN B 17 3.65 -17.98 -53.53
C GLN B 17 2.86 -18.09 -52.23
N LEU B 18 3.51 -18.44 -51.12
CA LEU B 18 2.80 -18.55 -49.86
C LEU B 18 2.28 -17.20 -49.39
N ARG B 19 3.03 -16.13 -49.63
CA ARG B 19 2.56 -14.80 -49.24
C ARG B 19 1.28 -14.44 -50.00
N GLN B 20 1.24 -14.73 -51.30
CA GLN B 20 0.02 -14.48 -52.06
C GLN B 20 -1.14 -15.33 -51.53
N GLU B 21 -0.86 -16.60 -51.22
CA GLU B 21 -1.89 -17.46 -50.64
C GLU B 21 -2.33 -16.93 -49.29
N ALA B 22 -1.38 -16.48 -48.47
CA ALA B 22 -1.72 -15.91 -47.17
C ALA B 22 -2.54 -14.63 -47.33
N GLU B 23 -2.14 -13.76 -48.26
CA GLU B 23 -2.86 -12.50 -48.44
C GLU B 23 -4.29 -12.74 -48.92
N GLN B 24 -4.45 -13.60 -49.93
CA GLN B 24 -5.79 -13.88 -50.43
C GLN B 24 -6.62 -14.66 -49.41
N LEU B 25 -5.98 -15.53 -48.63
CA LEU B 25 -6.71 -16.27 -47.61
C LEU B 25 -7.38 -15.32 -46.63
N LYS B 26 -6.61 -14.40 -46.05
CA LYS B 26 -7.16 -13.48 -45.06
C LYS B 26 -8.22 -12.58 -45.68
N ASN B 27 -7.94 -12.00 -46.85
CA ASN B 27 -8.88 -11.08 -47.46
C ASN B 27 -10.21 -11.76 -47.77
N GLN B 28 -10.17 -12.97 -48.34
CA GLN B 28 -11.39 -13.72 -48.61
C GLN B 28 -12.04 -14.25 -47.34
N ILE B 29 -11.24 -14.67 -46.35
CA ILE B 29 -11.82 -15.07 -45.07
C ILE B 29 -12.54 -13.90 -44.42
N ARG B 30 -11.91 -12.71 -44.42
CA ARG B 30 -12.60 -11.52 -43.94
C ARG B 30 -13.80 -11.20 -44.82
N ASP B 31 -13.69 -11.37 -46.14
CA ASP B 31 -14.83 -11.19 -47.01
C ASP B 31 -15.96 -12.15 -46.67
N ALA B 32 -15.63 -13.42 -46.40
CA ALA B 32 -16.65 -14.36 -45.95
C ALA B 32 -17.26 -13.90 -44.63
N ARG B 33 -16.45 -13.37 -43.72
CA ARG B 33 -16.98 -12.82 -42.48
C ARG B 33 -17.87 -11.60 -42.76
N LYS B 34 -17.43 -10.71 -43.66
CA LYS B 34 -18.21 -9.53 -43.98
C LYS B 34 -19.50 -9.91 -44.70
N ALA B 35 -19.43 -10.89 -45.60
CA ALA B 35 -20.60 -11.25 -46.39
C ALA B 35 -21.75 -11.72 -45.50
N CYS B 36 -21.45 -12.53 -44.48
CA CYS B 36 -22.47 -13.04 -43.57
C CYS B 36 -22.71 -12.10 -42.39
N ALA B 37 -21.95 -11.02 -42.26
CA ALA B 37 -22.15 -10.07 -41.17
C ALA B 37 -23.49 -9.36 -41.38
N ASP B 38 -24.41 -9.58 -40.44
CA ASP B 38 -25.78 -9.07 -40.62
C ASP B 38 -25.89 -7.61 -40.20
N ALA B 39 -25.63 -7.32 -38.92
CA ALA B 39 -25.82 -5.98 -38.40
C ALA B 39 -25.07 -5.84 -37.08
N THR B 40 -24.96 -4.59 -36.62
CA THR B 40 -24.23 -4.30 -35.40
C THR B 40 -25.09 -4.61 -34.17
N LEU B 41 -24.42 -4.67 -33.01
CA LEU B 41 -25.13 -4.93 -31.76
C LEU B 41 -26.13 -3.82 -31.46
N SER B 42 -25.72 -2.57 -31.66
CA SER B 42 -26.63 -1.44 -31.40
C SER B 42 -27.88 -1.53 -32.26
N GLN B 43 -27.73 -1.93 -33.53
CA GLN B 43 -28.88 -1.97 -34.43
C GLN B 43 -30.01 -2.83 -33.86
N ILE B 44 -29.68 -3.84 -33.05
CA ILE B 44 -30.69 -4.72 -32.48
C ILE B 44 -31.07 -4.29 -31.07
N THR B 45 -30.08 -3.90 -30.24
CA THR B 45 -30.35 -3.59 -28.85
C THR B 45 -30.75 -2.14 -28.62
N ASN B 46 -31.00 -1.37 -29.69
CA ASN B 46 -31.45 0.01 -29.51
C ASN B 46 -32.72 0.08 -28.68
N ASN B 47 -33.67 -0.81 -28.94
CA ASN B 47 -34.95 -0.79 -28.25
C ASN B 47 -34.83 -1.15 -26.77
N ILE B 48 -33.69 -1.67 -26.33
CA ILE B 48 -33.51 -2.03 -24.93
C ILE B 48 -33.22 -0.75 -24.14
N ASP B 49 -34.00 -0.54 -23.08
CA ASP B 49 -33.87 0.68 -22.30
C ASP B 49 -32.52 0.72 -21.58
N PRO B 50 -31.95 1.92 -21.36
CA PRO B 50 -30.68 2.00 -20.62
C PRO B 50 -30.84 1.64 -19.16
N VAL B 51 -29.76 1.76 -18.40
CA VAL B 51 -29.75 1.45 -16.98
C VAL B 51 -29.72 2.70 -16.12
N GLY B 52 -29.98 3.88 -16.69
CA GLY B 52 -29.95 5.10 -15.92
C GLY B 52 -28.55 5.50 -15.51
N ARG B 53 -28.40 6.00 -14.28
CA ARG B 53 -27.12 6.40 -13.74
C ARG B 53 -26.77 5.44 -12.61
N ILE B 54 -25.64 4.74 -12.75
CA ILE B 54 -25.18 3.80 -11.71
C ILE B 54 -24.24 4.60 -10.81
N GLN B 55 -24.83 5.25 -9.81
CA GLN B 55 -24.07 6.06 -8.87
C GLN B 55 -23.60 5.15 -7.73
N MET B 56 -22.32 4.80 -7.74
CA MET B 56 -21.75 3.88 -6.78
C MET B 56 -20.88 4.66 -5.80
N ARG B 57 -21.09 4.42 -4.51
CA ARG B 57 -20.40 5.13 -3.45
C ARG B 57 -19.29 4.26 -2.87
N THR B 58 -18.18 4.90 -2.51
CA THR B 58 -17.03 4.18 -2.01
C THR B 58 -17.32 3.66 -0.60
N ARG B 59 -17.80 2.42 -0.51
CA ARG B 59 -18.10 1.82 0.77
C ARG B 59 -16.84 1.60 1.61
N ARG B 60 -15.77 1.08 1.00
CA ARG B 60 -14.55 0.78 1.74
C ARG B 60 -13.36 1.45 1.09
N THR B 61 -12.38 1.80 1.93
CA THR B 61 -11.08 2.28 1.47
C THR B 61 -10.01 1.49 2.19
N LEU B 62 -9.37 0.57 1.47
CA LEU B 62 -8.28 -0.25 2.00
C LEU B 62 -6.98 0.51 1.80
N ARG B 63 -6.32 0.83 2.91
CA ARG B 63 -5.10 1.62 2.91
C ARG B 63 -4.02 0.92 3.71
N GLY B 64 -2.76 1.16 3.33
CA GLY B 64 -1.63 0.51 3.97
C GLY B 64 -0.51 0.23 3.00
N HIS B 65 -0.81 0.17 1.71
CA HIS B 65 0.22 0.09 0.69
C HIS B 65 0.99 1.41 0.63
N LEU B 66 2.31 1.29 0.47
CA LEU B 66 3.19 2.45 0.50
C LEU B 66 3.83 2.67 -0.87
N ALA B 67 3.09 2.41 -1.94
CA ALA B 67 3.61 2.58 -3.28
C ALA B 67 2.51 2.32 -4.31
N LYS B 68 2.81 2.49 -5.59
CA LYS B 68 1.83 2.23 -6.62
C LYS B 68 1.36 0.78 -6.54
N ILE B 69 0.04 0.59 -6.62
CA ILE B 69 -0.55 -0.74 -6.61
C ILE B 69 -0.67 -1.18 -8.06
N TYR B 70 -0.05 -2.32 -8.38
CA TYR B 70 0.03 -2.76 -9.77
C TYR B 70 -0.99 -3.83 -10.14
N ALA B 71 -1.38 -4.68 -9.20
CA ALA B 71 -2.27 -5.80 -9.51
C ALA B 71 -3.18 -6.06 -8.34
N MET B 72 -4.31 -6.71 -8.63
CA MET B 72 -5.30 -7.05 -7.61
C MET B 72 -6.20 -8.14 -8.16
N HIS B 73 -6.55 -9.09 -7.30
CA HIS B 73 -7.43 -10.19 -7.69
C HIS B 73 -8.43 -10.48 -6.57
N TRP B 74 -9.68 -10.69 -6.98
CA TRP B 74 -10.75 -11.01 -6.04
C TRP B 74 -10.68 -12.46 -5.59
N GLY B 75 -11.25 -12.72 -4.42
CA GLY B 75 -11.38 -14.07 -3.92
C GLY B 75 -12.58 -14.77 -4.52
N THR B 76 -12.51 -16.11 -4.54
CA THR B 76 -13.60 -16.91 -5.06
C THR B 76 -14.83 -16.87 -4.17
N ASP B 77 -14.68 -16.49 -2.90
CA ASP B 77 -15.80 -16.38 -1.98
C ASP B 77 -16.33 -14.96 -1.88
N SER B 78 -15.85 -14.05 -2.73
CA SER B 78 -16.38 -12.70 -2.84
C SER B 78 -16.13 -11.87 -1.59
N ARG B 79 -15.13 -12.23 -0.78
CA ARG B 79 -14.88 -11.50 0.47
C ARG B 79 -13.42 -11.13 0.65
N LEU B 80 -12.50 -11.88 0.06
CA LEU B 80 -11.09 -11.63 0.23
C LEU B 80 -10.48 -11.02 -1.02
N LEU B 81 -9.42 -10.25 -0.82
CA LEU B 81 -8.72 -9.56 -1.90
C LEU B 81 -7.23 -9.79 -1.76
N VAL B 82 -6.53 -9.73 -2.89
CA VAL B 82 -5.07 -9.68 -2.92
C VAL B 82 -4.65 -8.45 -3.71
N SER B 83 -3.65 -7.74 -3.20
CA SER B 83 -3.11 -6.58 -3.89
C SER B 83 -1.58 -6.62 -3.79
N ALA B 84 -0.91 -6.19 -4.87
CA ALA B 84 0.54 -6.18 -4.94
C ALA B 84 1.03 -4.77 -5.24
N SER B 85 2.12 -4.37 -4.57
CA SER B 85 2.64 -3.03 -4.74
C SER B 85 4.11 -3.06 -5.13
N GLN B 86 4.52 -2.00 -5.83
CA GLN B 86 5.94 -1.68 -5.98
C GLN B 86 6.66 -1.58 -4.65
N ASP B 87 5.91 -1.45 -3.55
CA ASP B 87 6.51 -1.43 -2.23
C ASP B 87 7.27 -2.72 -1.94
N GLY B 88 6.96 -3.78 -2.67
CA GLY B 88 7.47 -5.09 -2.36
C GLY B 88 6.59 -5.91 -1.46
N LYS B 89 5.29 -5.62 -1.42
CA LYS B 89 4.37 -6.28 -0.51
C LYS B 89 3.17 -6.82 -1.26
N LEU B 90 2.67 -7.94 -0.77
CA LEU B 90 1.45 -8.59 -1.25
C LEU B 90 0.50 -8.75 -0.07
N ILE B 91 -0.62 -8.03 -0.11
CA ILE B 91 -1.52 -7.91 1.03
C ILE B 91 -2.83 -8.59 0.69
N ILE B 92 -3.31 -9.44 1.59
CA ILE B 92 -4.62 -10.08 1.46
C ILE B 92 -5.55 -9.44 2.48
N TRP B 93 -6.60 -8.79 1.97
CA TRP B 93 -7.58 -8.06 2.74
C TRP B 93 -8.86 -8.87 2.91
N ASP B 94 -9.58 -8.55 3.97
CA ASP B 94 -10.98 -8.91 4.13
C ASP B 94 -11.81 -7.73 3.62
N SER B 95 -12.45 -7.91 2.47
CA SER B 95 -13.17 -6.81 1.83
C SER B 95 -14.36 -6.33 2.66
N TYR B 96 -14.83 -7.13 3.61
CA TYR B 96 -16.01 -6.74 4.38
C TYR B 96 -15.65 -5.81 5.53
N THR B 97 -14.67 -6.20 6.35
CA THR B 97 -14.29 -5.43 7.52
C THR B 97 -13.01 -4.64 7.30
N THR B 98 -12.54 -4.54 6.06
CA THR B 98 -11.32 -3.81 5.73
C THR B 98 -10.19 -4.18 6.68
N ASN B 99 -9.94 -5.48 6.76
CA ASN B 99 -8.96 -6.04 7.67
C ASN B 99 -7.89 -6.78 6.88
N LYS B 100 -6.64 -6.61 7.28
CA LYS B 100 -5.50 -7.19 6.58
C LYS B 100 -5.29 -8.62 7.07
N VAL B 101 -5.78 -9.59 6.29
CA VAL B 101 -5.62 -10.99 6.69
C VAL B 101 -4.16 -11.42 6.58
N HIS B 102 -3.51 -11.10 5.47
CA HIS B 102 -2.13 -11.54 5.25
C HIS B 102 -1.30 -10.40 4.69
N ALA B 103 0.01 -10.45 4.98
CA ALA B 103 0.99 -9.53 4.42
C ALA B 103 2.25 -10.32 4.10
N ILE B 104 2.65 -10.34 2.83
CA ILE B 104 3.72 -11.20 2.35
C ILE B 104 4.81 -10.35 1.73
N PRO B 105 6.08 -10.53 2.11
CA PRO B 105 7.17 -9.82 1.41
C PRO B 105 7.62 -10.55 0.17
N LEU B 106 7.48 -9.92 -0.98
CA LEU B 106 7.87 -10.55 -2.24
C LEU B 106 9.37 -10.42 -2.46
N ARG B 107 9.93 -11.39 -3.20
CA ARG B 107 11.38 -11.38 -3.44
C ARG B 107 11.80 -10.19 -4.29
N SER B 108 11.02 -9.87 -5.33
CA SER B 108 11.31 -8.75 -6.21
C SER B 108 10.20 -7.70 -6.07
N SER B 109 10.60 -6.46 -5.78
CA SER B 109 9.65 -5.38 -5.59
C SER B 109 8.91 -5.01 -6.87
N TRP B 110 9.35 -5.50 -8.02
CA TRP B 110 8.83 -5.05 -9.30
C TRP B 110 7.65 -5.91 -9.76
N VAL B 111 6.61 -5.94 -8.92
CA VAL B 111 5.45 -6.77 -9.20
C VAL B 111 4.60 -6.10 -10.27
N MET B 112 3.99 -6.92 -11.12
CA MET B 112 3.11 -6.41 -12.16
C MET B 112 1.83 -7.21 -12.34
N THR B 113 1.64 -8.28 -11.59
CA THR B 113 0.46 -9.11 -11.74
C THR B 113 0.33 -10.00 -10.51
N CYS B 114 -0.91 -10.39 -10.21
CA CYS B 114 -1.16 -11.32 -9.12
C CYS B 114 -2.45 -12.07 -9.39
N ALA B 115 -2.58 -13.22 -8.73
CA ALA B 115 -3.76 -14.05 -8.86
C ALA B 115 -4.01 -14.78 -7.55
N TYR B 116 -5.27 -15.16 -7.33
CA TYR B 116 -5.70 -15.85 -6.14
C TYR B 116 -6.18 -17.24 -6.53
N ALA B 117 -5.70 -18.25 -5.81
CA ALA B 117 -6.07 -19.61 -6.14
C ALA B 117 -7.59 -19.76 -6.06
N PRO B 118 -8.24 -20.41 -7.04
CA PRO B 118 -9.70 -20.52 -6.98
C PRO B 118 -10.18 -21.33 -5.78
N SER B 119 -9.32 -22.15 -5.18
CA SER B 119 -9.62 -22.80 -3.92
C SER B 119 -9.17 -21.97 -2.72
N GLY B 120 -8.45 -20.87 -2.93
CA GLY B 120 -8.01 -20.01 -1.87
C GLY B 120 -6.76 -20.47 -1.15
N ASN B 121 -6.19 -21.62 -1.54
CA ASN B 121 -5.04 -22.15 -0.82
C ASN B 121 -3.77 -21.37 -1.12
N TYR B 122 -3.54 -21.02 -2.38
CA TYR B 122 -2.28 -20.43 -2.83
C TYR B 122 -2.54 -19.03 -3.38
N VAL B 123 -1.44 -18.33 -3.66
CA VAL B 123 -1.47 -17.05 -4.35
C VAL B 123 -0.21 -16.92 -5.19
N ALA B 124 -0.37 -16.48 -6.44
CA ALA B 124 0.72 -16.37 -7.39
C ALA B 124 0.97 -14.90 -7.74
N CYS B 125 2.23 -14.52 -7.89
CA CYS B 125 2.59 -13.15 -8.26
C CYS B 125 3.91 -13.14 -9.01
N GLY B 126 4.04 -12.20 -9.95
CA GLY B 126 5.22 -12.09 -10.78
C GLY B 126 5.44 -10.67 -11.27
N GLY B 127 6.47 -10.50 -12.09
CA GLY B 127 6.81 -9.19 -12.59
C GLY B 127 8.04 -9.14 -13.48
N LEU B 128 8.93 -8.19 -13.21
CA LEU B 128 10.05 -7.92 -14.10
C LEU B 128 11.12 -9.00 -14.07
N ASP B 129 11.28 -9.74 -12.98
CA ASP B 129 12.34 -10.73 -12.85
C ASP B 129 12.05 -12.02 -13.59
N ASN B 130 10.98 -12.06 -14.40
CA ASN B 130 10.67 -13.17 -15.29
C ASN B 130 10.26 -14.43 -14.55
N ILE B 131 10.03 -14.36 -13.24
CA ILE B 131 9.73 -15.52 -12.42
C ILE B 131 8.34 -15.34 -11.81
N CYS B 132 7.57 -16.42 -11.76
CA CYS B 132 6.25 -16.41 -11.14
C CYS B 132 6.35 -17.17 -9.82
N SER B 133 6.27 -16.45 -8.70
CA SER B 133 6.39 -17.05 -7.38
C SER B 133 5.00 -17.41 -6.89
N ILE B 134 4.84 -18.65 -6.44
CA ILE B 134 3.56 -19.17 -5.96
C ILE B 134 3.73 -19.51 -4.48
N TYR B 135 2.94 -18.86 -3.63
CA TYR B 135 3.00 -19.01 -2.19
C TYR B 135 1.80 -19.81 -1.69
N ASN B 136 2.01 -20.52 -0.59
CA ASN B 136 0.99 -21.34 0.05
C ASN B 136 0.49 -20.62 1.29
N LEU B 137 -0.82 -20.41 1.38
CA LEU B 137 -1.40 -19.69 2.52
C LEU B 137 -1.74 -20.62 3.67
N LYS B 138 -2.41 -21.74 3.39
CA LYS B 138 -2.84 -22.67 4.43
C LYS B 138 -1.71 -23.64 4.77
N THR B 139 -0.71 -23.10 5.46
CA THR B 139 0.39 -23.92 5.93
C THR B 139 0.15 -24.36 7.37
N ARG B 140 0.68 -25.52 7.73
CA ARG B 140 0.59 -26.04 9.09
C ARG B 140 1.44 -25.24 10.06
N GLU B 141 2.42 -24.47 9.58
CA GLU B 141 3.28 -23.68 10.44
C GLU B 141 2.81 -22.24 10.61
N GLY B 142 1.72 -21.86 9.96
CA GLY B 142 1.08 -20.58 10.21
C GLY B 142 1.54 -19.41 9.37
N ASN B 143 2.66 -19.54 8.67
CA ASN B 143 3.18 -18.47 7.83
C ASN B 143 3.05 -18.86 6.37
N VAL B 144 3.20 -17.88 5.48
CA VAL B 144 3.07 -18.06 4.05
C VAL B 144 4.46 -18.29 3.48
N ARG B 145 4.69 -19.47 2.94
CA ARG B 145 5.94 -19.81 2.29
C ARG B 145 5.78 -19.86 0.77
N VAL B 146 6.89 -20.03 0.08
CA VAL B 146 6.91 -20.06 -1.38
C VAL B 146 6.85 -21.53 -1.80
N SER B 147 5.69 -21.95 -2.30
CA SER B 147 5.55 -23.32 -2.76
C SER B 147 6.34 -23.56 -4.04
N ARG B 148 6.35 -22.58 -4.94
CA ARG B 148 7.01 -22.77 -6.23
C ARG B 148 7.59 -21.45 -6.74
N GLU B 149 8.58 -21.57 -7.61
CA GLU B 149 9.13 -20.44 -8.37
C GLU B 149 9.19 -20.86 -9.86
N LEU B 150 8.07 -20.68 -10.55
CA LEU B 150 7.98 -21.01 -11.96
C LEU B 150 8.87 -20.09 -12.79
N ALA B 151 9.95 -20.65 -13.33
CA ALA B 151 10.91 -19.90 -14.13
C ALA B 151 11.10 -20.57 -15.49
N GLY B 152 11.48 -19.77 -16.46
CA GLY B 152 11.65 -20.25 -17.82
C GLY B 152 11.21 -19.23 -18.85
N HIS B 153 10.49 -18.21 -18.42
CA HIS B 153 10.16 -17.09 -19.28
C HIS B 153 11.39 -16.21 -19.46
N THR B 154 11.56 -15.66 -20.66
CA THR B 154 12.67 -14.79 -20.96
C THR B 154 12.25 -13.32 -21.03
N GLY B 155 11.30 -12.92 -20.20
CA GLY B 155 10.85 -11.54 -20.16
C GLY B 155 10.00 -11.30 -18.94
N TYR B 156 9.57 -10.06 -18.78
CA TYR B 156 8.75 -9.73 -17.64
C TYR B 156 7.40 -10.43 -17.73
N LEU B 157 6.83 -10.72 -16.57
CA LEU B 157 5.65 -11.57 -16.45
C LEU B 157 4.40 -10.71 -16.22
N SER B 158 3.24 -11.28 -16.56
CA SER B 158 1.98 -10.61 -16.35
C SER B 158 0.84 -11.62 -16.33
N CYS B 159 -0.27 -11.20 -15.71
CA CYS B 159 -1.52 -11.95 -15.67
C CYS B 159 -1.33 -13.43 -15.37
N CYS B 160 -0.83 -13.73 -14.18
CA CYS B 160 -0.99 -15.06 -13.62
C CYS B 160 -2.48 -15.33 -13.47
N ARG B 161 -2.90 -16.56 -13.77
CA ARG B 161 -4.31 -16.93 -13.68
C ARG B 161 -4.39 -18.41 -13.34
N PHE B 162 -4.57 -18.73 -12.07
CA PHE B 162 -4.67 -20.11 -11.65
C PHE B 162 -5.79 -20.82 -12.39
N LEU B 163 -5.52 -22.07 -12.78
CA LEU B 163 -6.55 -22.96 -13.31
C LEU B 163 -7.04 -23.95 -12.25
N ASP B 164 -6.11 -24.67 -11.64
CA ASP B 164 -6.39 -25.50 -10.48
C ASP B 164 -5.37 -25.08 -9.41
N ASP B 165 -5.29 -25.85 -8.33
CA ASP B 165 -4.21 -25.67 -7.38
C ASP B 165 -2.87 -26.15 -7.94
N ASN B 166 -2.87 -26.81 -9.10
CA ASN B 166 -1.66 -27.38 -9.68
C ASN B 166 -1.60 -27.16 -11.19
N GLN B 167 -2.05 -26.00 -11.66
CA GLN B 167 -1.94 -25.68 -13.08
C GLN B 167 -2.18 -24.18 -13.24
N ILE B 168 -1.22 -23.47 -13.83
CA ILE B 168 -1.31 -22.01 -13.91
C ILE B 168 -0.83 -21.53 -15.27
N VAL B 169 -1.51 -20.51 -15.79
CA VAL B 169 -1.13 -19.86 -17.04
C VAL B 169 -0.35 -18.58 -16.69
N THR B 170 0.50 -18.14 -17.60
CA THR B 170 1.25 -16.90 -17.40
C THR B 170 1.54 -16.26 -18.75
N SER B 171 1.34 -14.94 -18.85
CA SER B 171 1.74 -14.18 -20.02
C SER B 171 3.08 -13.49 -19.71
N SER B 172 3.79 -13.10 -20.77
CA SER B 172 5.10 -12.49 -20.58
C SER B 172 5.38 -11.49 -21.69
N GLY B 173 6.52 -10.83 -21.58
CA GLY B 173 6.99 -9.93 -22.60
C GLY B 173 7.88 -10.62 -23.61
N ASP B 174 7.83 -11.96 -23.62
CA ASP B 174 8.57 -12.77 -24.56
C ASP B 174 7.75 -13.08 -25.81
N THR B 175 6.54 -12.51 -25.91
CA THR B 175 5.63 -12.76 -27.02
C THR B 175 5.03 -14.15 -26.97
N THR B 176 4.85 -14.70 -25.77
CA THR B 176 4.35 -16.06 -25.62
C THR B 176 3.72 -16.22 -24.25
N CYS B 177 2.71 -17.08 -24.18
CA CYS B 177 2.11 -17.50 -22.92
C CYS B 177 2.53 -18.92 -22.61
N ALA B 178 2.37 -19.32 -21.35
CA ALA B 178 2.84 -20.64 -20.94
C ALA B 178 1.93 -21.23 -19.88
N LEU B 179 1.59 -22.51 -20.06
CA LEU B 179 0.85 -23.28 -19.06
C LEU B 179 1.82 -24.18 -18.30
N TRP B 180 1.79 -24.08 -16.98
CA TRP B 180 2.76 -24.71 -16.10
C TRP B 180 2.06 -25.67 -15.15
N ASP B 181 2.65 -26.85 -14.99
CA ASP B 181 2.28 -27.81 -13.95
C ASP B 181 3.04 -27.40 -12.70
N ILE B 182 2.35 -26.81 -11.74
CA ILE B 182 3.03 -26.19 -10.60
C ILE B 182 3.80 -27.22 -9.81
N GLU B 183 3.27 -28.44 -9.68
CA GLU B 183 3.95 -29.46 -8.88
C GLU B 183 5.33 -29.76 -9.44
N THR B 184 5.41 -30.05 -10.74
CA THR B 184 6.71 -30.35 -11.35
C THR B 184 7.52 -29.08 -11.58
N GLY B 185 6.85 -27.98 -11.90
CA GLY B 185 7.54 -26.74 -12.21
C GLY B 185 8.01 -26.62 -13.63
N GLN B 186 7.55 -27.49 -14.52
CA GLN B 186 7.94 -27.48 -15.92
C GLN B 186 6.80 -26.97 -16.77
N GLN B 187 7.13 -26.19 -17.79
CA GLN B 187 6.11 -25.63 -18.69
C GLN B 187 5.44 -26.80 -19.42
N THR B 188 4.20 -27.10 -19.02
CA THR B 188 3.47 -28.16 -19.71
C THR B 188 3.20 -27.78 -21.15
N THR B 189 2.88 -26.52 -21.41
CA THR B 189 2.56 -26.07 -22.76
C THR B 189 3.07 -24.66 -22.96
N THR B 190 3.35 -24.30 -24.21
CA THR B 190 3.86 -22.98 -24.56
C THR B 190 3.13 -22.49 -25.80
N PHE B 191 2.37 -21.42 -25.66
CA PHE B 191 1.58 -20.84 -26.74
C PHE B 191 2.37 -19.67 -27.31
N THR B 192 2.78 -19.79 -28.58
CA THR B 192 3.53 -18.76 -29.27
C THR B 192 2.76 -18.30 -30.50
N GLY B 193 3.20 -17.15 -31.04
CA GLY B 193 2.57 -16.59 -32.21
C GLY B 193 2.50 -15.07 -32.15
N HIS B 194 2.72 -14.51 -30.97
CA HIS B 194 2.73 -13.07 -30.79
C HIS B 194 4.02 -12.48 -31.34
N THR B 195 3.96 -11.18 -31.67
CA THR B 195 5.12 -10.43 -32.17
C THR B 195 5.38 -9.24 -31.26
N GLY B 196 5.04 -9.37 -30.00
CA GLY B 196 5.27 -8.30 -29.04
C GLY B 196 4.89 -8.78 -27.66
N ASP B 197 5.23 -7.97 -26.66
CA ASP B 197 4.96 -8.36 -25.29
C ASP B 197 3.47 -8.63 -25.10
N VAL B 198 3.17 -9.71 -24.38
CA VAL B 198 1.80 -10.10 -24.08
C VAL B 198 1.46 -9.53 -22.71
N MET B 199 0.47 -8.64 -22.66
CA MET B 199 0.23 -7.84 -21.47
C MET B 199 -0.80 -8.47 -20.53
N SER B 200 -1.80 -9.16 -21.04
CA SER B 200 -2.86 -9.68 -20.19
C SER B 200 -3.46 -10.94 -20.79
N LEU B 201 -3.85 -11.87 -19.91
CA LEU B 201 -4.63 -13.05 -20.28
C LEU B 201 -5.71 -13.25 -19.24
N SER B 202 -6.84 -13.81 -19.66
CA SER B 202 -7.99 -14.04 -18.78
C SER B 202 -8.59 -15.40 -19.09
N LEU B 203 -8.57 -16.29 -18.09
CA LEU B 203 -9.12 -17.63 -18.27
C LEU B 203 -10.61 -17.58 -18.52
N ALA B 204 -11.08 -18.53 -19.33
CA ALA B 204 -12.50 -18.66 -19.58
C ALA B 204 -13.20 -19.20 -18.33
N PRO B 205 -14.53 -19.01 -18.23
CA PRO B 205 -15.24 -19.53 -17.07
C PRO B 205 -15.08 -21.03 -16.87
N ASP B 206 -15.03 -21.81 -17.95
CA ASP B 206 -14.92 -23.26 -17.86
C ASP B 206 -13.49 -23.74 -17.71
N THR B 207 -12.50 -22.85 -17.80
CA THR B 207 -11.10 -23.19 -17.57
C THR B 207 -10.60 -24.22 -18.58
N ARG B 208 -11.02 -24.07 -19.84
CA ARG B 208 -10.48 -24.85 -20.94
C ARG B 208 -10.05 -24.00 -22.13
N LEU B 209 -9.98 -22.69 -21.96
CA LEU B 209 -9.52 -21.78 -23.00
C LEU B 209 -8.91 -20.57 -22.30
N PHE B 210 -8.38 -19.65 -23.10
CA PHE B 210 -8.10 -18.31 -22.57
C PHE B 210 -7.78 -17.39 -23.74
N VAL B 211 -7.82 -16.10 -23.47
CA VAL B 211 -7.55 -15.08 -24.47
C VAL B 211 -6.47 -14.16 -23.93
N SER B 212 -5.49 -13.87 -24.78
CA SER B 212 -4.38 -13.02 -24.39
C SER B 212 -4.20 -11.90 -25.40
N GLY B 213 -3.98 -10.70 -24.89
CA GLY B 213 -3.72 -9.54 -25.72
C GLY B 213 -2.29 -9.08 -25.53
N ALA B 214 -1.68 -8.57 -26.61
CA ALA B 214 -0.27 -8.21 -26.61
C ALA B 214 -0.08 -6.82 -27.18
N CYS B 215 1.11 -6.27 -26.92
CA CYS B 215 1.46 -4.95 -27.45
C CYS B 215 1.41 -4.89 -28.97
N ASP B 216 1.27 -6.05 -29.63
CA ASP B 216 1.16 -6.06 -31.09
C ASP B 216 -0.18 -5.53 -31.56
N ALA B 217 -1.01 -5.00 -30.67
CA ALA B 217 -2.31 -4.48 -31.01
C ALA B 217 -3.22 -5.60 -31.54
N SER B 218 -2.93 -6.82 -31.12
CA SER B 218 -3.74 -7.97 -31.51
C SER B 218 -3.78 -8.95 -30.35
N ALA B 219 -4.95 -9.56 -30.17
CA ALA B 219 -5.13 -10.59 -29.17
C ALA B 219 -5.41 -11.91 -29.86
N LYS B 220 -5.47 -12.98 -29.09
CA LYS B 220 -5.77 -14.28 -29.66
C LYS B 220 -6.33 -15.22 -28.60
N LEU B 221 -7.22 -16.11 -29.05
CA LEU B 221 -7.82 -17.14 -28.23
C LEU B 221 -7.03 -18.43 -28.40
N TRP B 222 -6.48 -18.91 -27.29
CA TRP B 222 -5.66 -20.11 -27.20
C TRP B 222 -6.38 -21.19 -26.41
N ASP B 223 -6.08 -22.43 -26.76
CA ASP B 223 -6.62 -23.60 -26.06
C ASP B 223 -5.58 -24.12 -25.08
N VAL B 224 -5.97 -24.21 -23.80
CA VAL B 224 -5.04 -24.64 -22.76
C VAL B 224 -4.60 -26.09 -22.92
N ARG B 225 -5.35 -26.90 -23.66
CA ARG B 225 -5.08 -28.32 -23.75
C ARG B 225 -4.09 -28.66 -24.86
N GLU B 226 -4.34 -28.17 -26.07
CA GLU B 226 -3.59 -28.57 -27.25
C GLU B 226 -2.55 -27.54 -27.70
N GLY B 227 -2.40 -26.44 -26.97
CA GLY B 227 -1.46 -25.43 -27.40
C GLY B 227 -1.73 -24.87 -28.78
N MET B 228 -3.00 -24.68 -29.12
CA MET B 228 -3.40 -24.33 -30.47
C MET B 228 -3.85 -22.88 -30.55
N CYS B 229 -3.33 -22.15 -31.53
CA CYS B 229 -3.75 -20.78 -31.79
C CYS B 229 -5.12 -20.84 -32.44
N ARG B 230 -6.14 -21.05 -31.61
CA ARG B 230 -7.47 -21.30 -32.15
C ARG B 230 -8.01 -20.09 -32.90
N GLN B 231 -7.78 -18.88 -32.39
CA GLN B 231 -8.33 -17.71 -33.07
C GLN B 231 -7.44 -16.50 -32.83
N THR B 232 -7.55 -15.52 -33.73
CA THR B 232 -6.86 -14.25 -33.62
C THR B 232 -7.85 -13.11 -33.78
N PHE B 233 -7.53 -11.98 -33.15
CA PHE B 233 -8.47 -10.85 -33.07
C PHE B 233 -7.68 -9.57 -33.21
N THR B 234 -8.10 -8.71 -34.13
CA THR B 234 -7.47 -7.43 -34.38
C THR B 234 -8.53 -6.33 -34.39
N GLY B 235 -8.08 -5.08 -34.47
CA GLY B 235 -8.96 -3.95 -34.55
C GLY B 235 -8.46 -2.73 -33.80
N HIS B 236 -7.55 -2.95 -32.86
CA HIS B 236 -6.94 -1.83 -32.15
C HIS B 236 -5.85 -1.20 -33.00
N GLU B 237 -5.45 0.01 -32.62
CA GLU B 237 -4.33 0.69 -33.25
C GLU B 237 -3.13 0.83 -32.33
N SER B 238 -3.26 0.49 -31.06
CA SER B 238 -2.15 0.53 -30.12
C SER B 238 -2.19 -0.73 -29.25
N ASP B 239 -1.41 -0.72 -28.16
CA ASP B 239 -1.28 -1.90 -27.33
C ASP B 239 -2.63 -2.33 -26.77
N ILE B 240 -2.66 -3.55 -26.22
CA ILE B 240 -3.83 -4.06 -25.53
C ILE B 240 -3.40 -4.32 -24.08
N ASN B 241 -3.63 -3.34 -23.21
CA ASN B 241 -3.10 -3.40 -21.86
C ASN B 241 -4.01 -4.15 -20.89
N ALA B 242 -5.20 -4.56 -21.32
CA ALA B 242 -6.13 -5.24 -20.43
C ALA B 242 -7.10 -6.07 -21.25
N ILE B 243 -7.57 -7.16 -20.64
CA ILE B 243 -8.48 -8.09 -21.29
C ILE B 243 -9.30 -8.79 -20.22
N CYS B 244 -10.53 -9.18 -20.59
CA CYS B 244 -11.39 -9.90 -19.66
C CYS B 244 -12.44 -10.66 -20.46
N PHE B 245 -13.05 -11.65 -19.80
CA PHE B 245 -14.05 -12.52 -20.40
C PHE B 245 -15.46 -12.10 -20.00
N PHE B 246 -16.36 -12.13 -20.98
CA PHE B 246 -17.78 -12.00 -20.70
C PHE B 246 -18.21 -13.14 -19.76
N PRO B 247 -19.14 -12.89 -18.85
CA PRO B 247 -19.42 -13.90 -17.80
C PRO B 247 -19.87 -15.25 -18.34
N ASN B 248 -20.39 -15.33 -19.56
CA ASN B 248 -20.81 -16.60 -20.12
C ASN B 248 -19.75 -17.24 -21.01
N GLY B 249 -18.54 -16.72 -21.01
CA GLY B 249 -17.44 -17.32 -21.75
C GLY B 249 -17.63 -17.37 -23.25
N ASN B 250 -18.37 -16.40 -23.81
CA ASN B 250 -18.56 -16.33 -25.25
C ASN B 250 -18.19 -14.97 -25.83
N ALA B 251 -17.61 -14.07 -25.04
CA ALA B 251 -17.11 -12.81 -25.54
C ALA B 251 -16.04 -12.31 -24.58
N PHE B 252 -15.24 -11.36 -25.05
CA PHE B 252 -14.18 -10.81 -24.22
C PHE B 252 -13.93 -9.36 -24.61
N ALA B 253 -13.65 -8.51 -23.62
CA ALA B 253 -13.44 -7.10 -23.85
C ALA B 253 -11.99 -6.73 -23.52
N THR B 254 -11.34 -6.07 -24.47
CA THR B 254 -9.95 -5.65 -24.32
C THR B 254 -9.89 -4.14 -24.13
N GLY B 255 -8.93 -3.72 -23.29
CA GLY B 255 -8.69 -2.32 -23.04
C GLY B 255 -7.42 -1.83 -23.70
N SER B 256 -7.57 -0.99 -24.71
CA SER B 256 -6.43 -0.53 -25.48
C SER B 256 -5.69 0.59 -24.77
N ASP B 257 -4.46 0.86 -25.21
CA ASP B 257 -3.84 2.15 -24.93
C ASP B 257 -4.27 3.20 -25.95
N ASP B 258 -5.09 2.83 -26.91
CA ASP B 258 -5.65 3.75 -27.90
C ASP B 258 -6.72 4.63 -27.26
N ALA B 259 -7.06 4.36 -26.00
CA ALA B 259 -8.09 5.06 -25.24
C ALA B 259 -9.50 4.58 -25.60
N THR B 260 -9.63 3.40 -26.19
CA THR B 260 -10.92 2.82 -26.49
C THR B 260 -10.94 1.37 -26.04
N CYS B 261 -12.08 0.93 -25.54
CA CYS B 261 -12.32 -0.46 -25.18
C CYS B 261 -13.04 -1.14 -26.34
N ARG B 262 -12.85 -2.45 -26.47
CA ARG B 262 -13.51 -3.17 -27.54
C ARG B 262 -13.99 -4.51 -27.05
N LEU B 263 -15.26 -4.80 -27.28
CA LEU B 263 -15.84 -6.11 -26.97
C LEU B 263 -15.88 -6.93 -28.25
N PHE B 264 -15.16 -8.06 -28.25
CA PHE B 264 -15.13 -9.01 -29.34
C PHE B 264 -15.93 -10.24 -28.94
N ASP B 265 -16.49 -10.93 -29.93
CA ASP B 265 -17.10 -12.23 -29.71
C ASP B 265 -16.18 -13.32 -30.24
N LEU B 266 -16.00 -14.38 -29.45
CA LEU B 266 -15.12 -15.47 -29.88
C LEU B 266 -15.63 -16.11 -31.16
N ARG B 267 -16.93 -16.31 -31.26
CA ARG B 267 -17.50 -17.05 -32.38
C ARG B 267 -17.56 -16.20 -33.64
N ALA B 268 -17.85 -14.90 -33.49
CA ALA B 268 -18.13 -14.07 -34.66
C ALA B 268 -16.87 -13.66 -35.41
N ASP B 269 -15.70 -13.84 -34.81
CA ASP B 269 -14.43 -13.42 -35.40
C ASP B 269 -14.39 -11.92 -35.68
N GLN B 270 -15.09 -11.13 -34.88
CA GLN B 270 -15.21 -9.71 -35.13
C GLN B 270 -15.42 -9.00 -33.80
N GLU B 271 -15.20 -7.69 -33.80
CA GLU B 271 -15.46 -6.87 -32.63
C GLU B 271 -16.96 -6.62 -32.52
N LEU B 272 -17.54 -6.99 -31.36
CA LEU B 272 -18.96 -6.74 -31.16
C LEU B 272 -19.24 -5.24 -31.10
N MET B 273 -18.44 -4.50 -30.34
CA MET B 273 -18.70 -3.07 -30.19
C MET B 273 -17.48 -2.36 -29.63
N THR B 274 -17.52 -1.03 -29.73
CA THR B 274 -16.44 -0.17 -29.27
C THR B 274 -16.98 0.79 -28.22
N TYR B 275 -16.25 0.91 -27.10
CA TYR B 275 -16.58 1.85 -26.04
C TYR B 275 -15.51 2.93 -26.03
N SER B 276 -15.83 4.07 -26.64
CA SER B 276 -14.91 5.19 -26.74
C SER B 276 -15.71 6.49 -26.64
N HIS B 277 -15.07 7.50 -26.04
CA HIS B 277 -15.68 8.82 -25.93
C HIS B 277 -14.61 9.87 -26.20
N ASP B 278 -15.05 11.01 -26.76
CA ASP B 278 -14.09 12.02 -27.20
C ASP B 278 -13.26 12.56 -26.04
N ASN B 279 -13.91 12.80 -24.89
CA ASN B 279 -13.19 13.37 -23.75
C ASN B 279 -12.05 12.46 -23.30
N ILE B 280 -12.18 11.16 -23.54
CA ILE B 280 -11.15 10.20 -23.17
C ILE B 280 -10.03 10.29 -24.19
N ILE B 281 -8.83 10.68 -23.74
CA ILE B 281 -7.66 10.80 -24.59
C ILE B 281 -6.56 9.83 -24.18
N CYS B 282 -6.77 9.06 -23.11
CA CYS B 282 -5.74 8.20 -22.55
C CYS B 282 -6.20 6.75 -22.54
N GLY B 283 -5.25 5.85 -22.35
CA GLY B 283 -5.52 4.44 -22.55
C GLY B 283 -6.15 3.78 -21.33
N ILE B 284 -6.87 2.68 -21.59
CA ILE B 284 -7.46 1.87 -20.54
C ILE B 284 -6.37 1.04 -19.89
N THR B 285 -6.39 0.98 -18.56
CA THR B 285 -5.40 0.21 -17.82
C THR B 285 -5.92 -1.14 -17.35
N SER B 286 -7.22 -1.28 -17.13
CA SER B 286 -7.80 -2.55 -16.72
C SER B 286 -9.27 -2.58 -17.11
N VAL B 287 -9.79 -3.78 -17.28
CA VAL B 287 -11.17 -3.98 -17.71
C VAL B 287 -11.77 -5.14 -16.91
N SER B 288 -13.04 -5.00 -16.56
CA SER B 288 -13.76 -6.04 -15.83
C SER B 288 -15.24 -5.95 -16.21
N PHE B 289 -16.01 -6.94 -15.77
CA PHE B 289 -17.42 -7.04 -16.12
C PHE B 289 -18.25 -7.16 -14.86
N SER B 290 -19.54 -6.91 -15.00
CA SER B 290 -20.50 -7.17 -13.94
C SER B 290 -21.05 -8.59 -14.06
N LYS B 291 -21.52 -9.12 -12.93
CA LYS B 291 -21.92 -10.52 -12.88
C LYS B 291 -23.00 -10.82 -13.91
N SER B 292 -23.84 -9.84 -14.26
CA SER B 292 -24.86 -10.03 -15.27
C SER B 292 -24.38 -9.71 -16.67
N GLY B 293 -23.12 -9.34 -16.83
CA GLY B 293 -22.63 -8.95 -18.14
C GLY B 293 -23.27 -7.68 -18.67
N ARG B 294 -23.50 -6.69 -17.82
CA ARG B 294 -24.13 -5.44 -18.21
C ARG B 294 -23.25 -4.22 -18.00
N LEU B 295 -22.52 -4.16 -16.90
CA LEU B 295 -21.68 -3.00 -16.59
C LEU B 295 -20.23 -3.38 -16.87
N LEU B 296 -19.67 -2.80 -17.93
CA LEU B 296 -18.26 -2.99 -18.26
C LEU B 296 -17.48 -1.91 -17.52
N LEU B 297 -16.62 -2.32 -16.60
CA LEU B 297 -15.87 -1.38 -15.78
C LEU B 297 -14.47 -1.22 -16.35
N ALA B 298 -14.13 0.01 -16.74
CA ALA B 298 -12.85 0.29 -17.39
C ALA B 298 -12.08 1.29 -16.55
N GLY B 299 -10.94 0.87 -16.00
CA GLY B 299 -10.07 1.79 -15.29
C GLY B 299 -9.14 2.49 -16.26
N TYR B 300 -9.03 3.81 -16.10
CA TYR B 300 -8.36 4.66 -17.06
C TYR B 300 -7.13 5.30 -16.43
N ASP B 301 -6.37 6.01 -17.27
CA ASP B 301 -5.25 6.82 -16.83
C ASP B 301 -5.65 8.21 -16.39
N ASP B 302 -6.92 8.59 -16.61
CA ASP B 302 -7.43 9.89 -16.18
C ASP B 302 -7.58 10.01 -14.68
N PHE B 303 -7.18 8.98 -13.93
CA PHE B 303 -7.32 8.94 -12.47
C PHE B 303 -8.77 8.63 -12.08
N ASN B 304 -9.59 8.25 -13.05
CA ASN B 304 -10.96 7.84 -12.79
C ASN B 304 -11.24 6.54 -13.53
N CYS B 305 -12.06 5.69 -12.91
CA CYS B 305 -12.58 4.52 -13.59
C CYS B 305 -13.76 4.98 -14.46
N ASN B 306 -14.52 4.03 -15.01
CA ASN B 306 -15.66 4.42 -15.83
C ASN B 306 -16.56 3.21 -16.04
N VAL B 307 -17.86 3.38 -15.81
CA VAL B 307 -18.83 2.29 -15.94
C VAL B 307 -19.54 2.51 -17.26
N TRP B 308 -19.34 1.58 -18.19
CA TRP B 308 -20.02 1.61 -19.47
C TRP B 308 -21.17 0.63 -19.46
N ASP B 309 -22.28 1.01 -20.10
CA ASP B 309 -23.36 0.08 -20.34
C ASP B 309 -22.90 -0.89 -21.42
N ALA B 310 -22.69 -2.14 -21.04
CA ALA B 310 -21.99 -3.09 -21.89
C ALA B 310 -22.79 -3.55 -23.10
N LEU B 311 -23.96 -2.94 -23.38
CA LEU B 311 -24.73 -3.26 -24.56
C LEU B 311 -25.06 -2.04 -25.42
N LYS B 312 -24.95 -0.83 -24.89
CA LYS B 312 -25.20 0.38 -25.65
C LYS B 312 -23.98 1.32 -25.71
N ALA B 313 -22.94 1.05 -24.93
CA ALA B 313 -21.73 1.87 -24.92
C ALA B 313 -22.02 3.30 -24.43
N ASP B 314 -22.57 3.41 -23.23
CA ASP B 314 -22.79 4.70 -22.59
C ASP B 314 -22.22 4.66 -21.19
N ARG B 315 -21.58 5.76 -20.78
CA ARG B 315 -20.91 5.80 -19.48
C ARG B 315 -21.97 5.95 -18.40
N ALA B 316 -22.62 4.85 -18.05
CA ALA B 316 -23.64 4.86 -17.00
C ALA B 316 -22.95 4.93 -15.64
N GLY B 317 -22.43 6.13 -15.34
CA GLY B 317 -21.80 6.39 -14.07
C GLY B 317 -20.29 6.33 -14.14
N VAL B 318 -19.66 6.82 -13.07
CA VAL B 318 -18.20 6.88 -12.98
C VAL B 318 -17.80 6.64 -11.54
N LEU B 319 -16.70 5.93 -11.33
CA LEU B 319 -16.15 5.72 -10.01
C LEU B 319 -15.02 6.73 -9.75
N ALA B 320 -15.41 7.99 -9.72
CA ALA B 320 -14.45 9.08 -9.60
C ALA B 320 -13.74 9.01 -8.25
N GLY B 321 -12.47 8.63 -8.27
CA GLY B 321 -11.69 8.54 -7.06
C GLY B 321 -10.23 8.39 -7.39
N HIS B 322 -9.41 8.28 -6.34
CA HIS B 322 -7.97 8.14 -6.49
C HIS B 322 -7.37 9.44 -7.01
N ASP B 323 -6.15 9.74 -6.58
CA ASP B 323 -5.42 10.90 -7.07
C ASP B 323 -4.53 10.56 -8.26
N ASN B 324 -4.45 9.29 -8.64
CA ASN B 324 -3.57 8.85 -9.70
C ASN B 324 -4.30 7.84 -10.58
N ARG B 325 -3.61 7.34 -11.60
CA ARG B 325 -4.24 6.51 -12.60
C ARG B 325 -4.69 5.17 -12.02
N VAL B 326 -5.85 4.70 -12.49
CA VAL B 326 -6.37 3.41 -12.06
C VAL B 326 -5.62 2.30 -12.78
N SER B 327 -5.16 1.31 -12.02
CA SER B 327 -4.38 0.22 -12.56
C SER B 327 -5.14 -1.10 -12.66
N CYS B 328 -5.97 -1.44 -11.66
CA CYS B 328 -6.60 -2.75 -11.61
C CYS B 328 -8.03 -2.62 -11.11
N LEU B 329 -8.94 -3.38 -11.73
CA LEU B 329 -10.33 -3.48 -11.32
C LEU B 329 -10.69 -4.93 -11.06
N GLY B 330 -11.73 -5.14 -10.25
CA GLY B 330 -12.25 -6.47 -10.01
C GLY B 330 -13.67 -6.47 -9.52
N VAL B 331 -14.53 -7.30 -10.13
CA VAL B 331 -15.89 -7.50 -9.66
C VAL B 331 -15.97 -8.87 -9.00
N THR B 332 -16.53 -8.91 -7.79
CA THR B 332 -16.58 -10.15 -7.04
C THR B 332 -17.35 -11.21 -7.81
N ASP B 333 -17.24 -12.47 -7.34
CA ASP B 333 -17.92 -13.56 -8.01
C ASP B 333 -19.43 -13.37 -8.04
N ASP B 334 -20.02 -12.93 -6.93
CA ASP B 334 -21.45 -12.68 -6.89
C ASP B 334 -21.84 -11.30 -7.40
N GLY B 335 -20.86 -10.47 -7.76
CA GLY B 335 -21.14 -9.15 -8.28
C GLY B 335 -21.49 -8.12 -7.25
N MET B 336 -21.23 -8.36 -5.98
CA MET B 336 -21.68 -7.46 -4.92
C MET B 336 -20.90 -6.15 -4.87
N ALA B 337 -19.65 -6.13 -5.33
CA ALA B 337 -18.80 -4.97 -5.12
C ALA B 337 -17.94 -4.75 -6.36
N VAL B 338 -17.11 -3.71 -6.30
CA VAL B 338 -16.09 -3.42 -7.31
C VAL B 338 -14.88 -2.89 -6.58
N ALA B 339 -13.78 -3.63 -6.61
CA ALA B 339 -12.53 -3.16 -6.06
C ALA B 339 -11.72 -2.50 -7.15
N THR B 340 -11.15 -1.34 -6.83
CA THR B 340 -10.34 -0.58 -7.77
C THR B 340 -9.04 -0.17 -7.09
N GLY B 341 -7.96 -0.18 -7.87
CA GLY B 341 -6.66 0.22 -7.36
C GLY B 341 -6.06 1.30 -8.23
N SER B 342 -5.08 2.02 -7.71
CA SER B 342 -4.45 3.10 -8.45
C SER B 342 -3.07 3.37 -7.85
N TRP B 343 -2.33 4.25 -8.52
CA TRP B 343 -0.94 4.52 -8.17
C TRP B 343 -0.79 5.38 -6.92
N ASP B 344 -1.88 5.69 -6.23
CA ASP B 344 -1.82 6.39 -4.95
C ASP B 344 -1.70 5.44 -3.77
N SER B 345 -1.74 4.13 -4.01
CA SER B 345 -1.59 3.11 -2.99
C SER B 345 -2.83 2.92 -2.14
N PHE B 346 -4.01 3.27 -2.65
CA PHE B 346 -5.27 3.04 -1.96
C PHE B 346 -6.16 2.18 -2.85
N LEU B 347 -6.71 1.11 -2.28
CA LEU B 347 -7.77 0.36 -2.92
C LEU B 347 -9.12 0.86 -2.43
N LYS B 348 -10.12 0.83 -3.29
CA LYS B 348 -11.44 1.31 -2.94
C LYS B 348 -12.49 0.31 -3.39
N ILE B 349 -13.37 -0.07 -2.47
CA ILE B 349 -14.45 -1.01 -2.73
C ILE B 349 -15.74 -0.22 -2.85
N TRP B 350 -16.34 -0.27 -4.03
CA TRP B 350 -17.51 0.52 -4.39
C TRP B 350 -18.70 -0.42 -4.48
N ASN B 351 -19.87 0.08 -4.12
CA ASN B 351 -21.08 -0.74 -4.14
C ASN B 351 -22.31 0.06 -4.54
N ILE C 9 10.48 -21.75 -46.41
CA ILE C 9 9.67 -22.92 -46.90
C ILE C 9 8.82 -23.46 -45.75
N ALA C 10 9.34 -23.36 -44.52
CA ALA C 10 8.62 -23.85 -43.35
C ALA C 10 8.55 -22.80 -42.24
N GLN C 11 8.93 -21.55 -42.53
CA GLN C 11 8.86 -20.48 -41.55
C GLN C 11 7.47 -19.88 -41.44
N ALA C 12 6.86 -19.52 -42.58
CA ALA C 12 5.49 -19.02 -42.61
C ALA C 12 4.48 -20.12 -42.89
N ARG C 13 4.93 -21.36 -43.09
CA ARG C 13 3.98 -22.45 -43.36
C ARG C 13 3.05 -22.67 -42.19
N LYS C 14 3.58 -22.64 -40.97
CA LYS C 14 2.72 -22.77 -39.79
C LYS C 14 1.81 -21.57 -39.63
N LEU C 15 2.31 -20.37 -39.95
CA LEU C 15 1.48 -19.17 -39.84
C LEU C 15 0.26 -19.28 -40.75
N VAL C 16 0.47 -19.58 -42.03
CA VAL C 16 -0.65 -19.73 -42.94
C VAL C 16 -1.52 -20.93 -42.55
N GLU C 17 -0.91 -22.00 -42.02
CA GLU C 17 -1.70 -23.13 -41.54
C GLU C 17 -2.64 -22.69 -40.43
N GLN C 18 -2.16 -21.83 -39.52
CA GLN C 18 -3.06 -21.26 -38.53
C GLN C 18 -4.13 -20.40 -39.19
N LEU C 19 -3.75 -19.62 -40.21
CA LEU C 19 -4.75 -18.85 -40.96
C LEU C 19 -5.73 -19.79 -41.66
N LYS C 20 -5.27 -20.94 -42.12
CA LYS C 20 -6.18 -21.91 -42.73
C LYS C 20 -7.24 -22.36 -41.73
N MET C 21 -6.84 -22.65 -40.50
CA MET C 21 -7.81 -22.98 -39.47
C MET C 21 -8.69 -21.80 -39.11
N GLU C 22 -8.19 -20.57 -39.27
CA GLU C 22 -9.01 -19.39 -39.09
C GLU C 22 -10.02 -19.20 -40.22
N ALA C 23 -9.91 -19.97 -41.29
CA ALA C 23 -10.90 -20.01 -42.35
C ALA C 23 -12.02 -21.00 -42.05
N ASN C 24 -11.69 -22.19 -41.57
CA ASN C 24 -12.67 -23.19 -41.16
C ASN C 24 -13.12 -22.88 -39.74
N ILE C 25 -14.01 -21.90 -39.64
CA ILE C 25 -14.49 -21.39 -38.36
C ILE C 25 -15.99 -21.62 -38.27
N ASP C 26 -16.46 -21.97 -37.07
CA ASP C 26 -17.89 -22.10 -36.80
C ASP C 26 -18.47 -20.68 -36.75
N ARG C 27 -18.77 -20.15 -37.94
CA ARG C 27 -19.12 -18.74 -38.07
C ARG C 27 -20.50 -18.44 -37.51
N ILE C 28 -20.55 -17.93 -36.28
CA ILE C 28 -21.77 -17.42 -35.67
C ILE C 28 -21.67 -15.89 -35.70
N LYS C 29 -22.45 -15.26 -36.57
CA LYS C 29 -22.20 -13.90 -36.99
C LYS C 29 -22.63 -12.90 -35.92
N VAL C 30 -22.41 -11.61 -36.19
CA VAL C 30 -22.65 -10.56 -35.23
C VAL C 30 -24.09 -10.51 -34.74
N SER C 31 -25.08 -10.60 -35.64
CA SER C 31 -26.46 -10.69 -35.23
C SER C 31 -26.83 -12.06 -34.69
N LYS C 32 -26.20 -13.12 -35.19
CA LYS C 32 -26.40 -14.44 -34.62
C LYS C 32 -25.92 -14.51 -33.18
N ALA C 33 -24.89 -13.73 -32.84
CA ALA C 33 -24.40 -13.64 -31.47
C ALA C 33 -24.77 -12.33 -30.80
N ALA C 34 -25.56 -11.48 -31.46
CA ALA C 34 -26.03 -10.25 -30.83
C ALA C 34 -27.08 -10.55 -29.77
N ALA C 35 -28.03 -11.43 -30.07
CA ALA C 35 -29.09 -11.76 -29.12
C ALA C 35 -28.57 -12.59 -27.96
N ASP C 36 -27.52 -13.39 -28.16
CA ASP C 36 -27.00 -14.22 -27.08
C ASP C 36 -26.53 -13.36 -25.92
N LEU C 37 -25.83 -12.26 -26.21
CA LEU C 37 -25.43 -11.34 -25.16
C LEU C 37 -26.65 -10.70 -24.50
N MET C 38 -27.65 -10.30 -25.31
CA MET C 38 -28.86 -9.72 -24.74
C MET C 38 -29.62 -10.74 -23.90
N ALA C 39 -29.73 -11.98 -24.36
CA ALA C 39 -30.47 -12.98 -23.60
C ALA C 39 -29.82 -13.23 -22.24
N TYR C 40 -28.50 -13.39 -22.22
CA TYR C 40 -27.82 -13.62 -20.95
C TYR C 40 -27.91 -12.44 -20.01
N CYS C 41 -27.73 -11.21 -20.52
CA CYS C 41 -27.81 -10.04 -19.67
C CYS C 41 -29.20 -9.79 -19.13
N GLU C 42 -30.23 -10.34 -19.76
CA GLU C 42 -31.59 -10.19 -19.26
C GLU C 42 -31.95 -11.31 -18.30
N ALA C 43 -31.55 -12.54 -18.62
CA ALA C 43 -31.89 -13.69 -17.79
C ALA C 43 -31.21 -13.67 -16.43
N HIS C 44 -30.20 -12.81 -16.23
CA HIS C 44 -29.52 -12.68 -14.95
C HIS C 44 -29.56 -11.26 -14.43
N ALA C 45 -30.49 -10.44 -14.94
CA ALA C 45 -30.58 -9.06 -14.48
C ALA C 45 -30.98 -8.97 -13.01
N LYS C 46 -31.63 -10.00 -12.48
CA LYS C 46 -32.09 -9.97 -11.09
C LYS C 46 -31.01 -10.39 -10.11
N GLU C 47 -29.93 -11.02 -10.57
CA GLU C 47 -28.88 -11.50 -9.67
C GLU C 47 -27.71 -10.53 -9.55
N ASP C 48 -27.70 -9.43 -10.31
CA ASP C 48 -26.59 -8.49 -10.27
C ASP C 48 -26.83 -7.45 -9.18
N PRO C 49 -26.04 -7.44 -8.11
CA PRO C 49 -26.23 -6.44 -7.04
C PRO C 49 -25.88 -5.02 -7.43
N LEU C 50 -25.18 -4.80 -8.55
CA LEU C 50 -24.80 -3.47 -8.98
C LEU C 50 -25.78 -2.86 -9.97
N LEU C 51 -26.22 -3.63 -10.97
CA LEU C 51 -27.21 -3.13 -11.91
C LEU C 51 -28.50 -2.77 -11.18
N THR C 52 -28.99 -3.66 -10.33
CA THR C 52 -30.17 -3.40 -9.51
C THR C 52 -29.73 -3.30 -8.06
N PRO C 53 -29.68 -2.11 -7.46
CA PRO C 53 -29.17 -2.00 -6.09
C PRO C 53 -29.94 -2.90 -5.14
N VAL C 54 -29.19 -3.61 -4.30
CA VAL C 54 -29.76 -4.54 -3.32
C VAL C 54 -30.24 -3.73 -2.12
N PRO C 55 -31.26 -4.18 -1.40
CA PRO C 55 -31.69 -3.43 -0.21
C PRO C 55 -30.55 -3.30 0.80
N ALA C 56 -30.54 -2.18 1.51
CA ALA C 56 -29.47 -1.87 2.44
C ALA C 56 -29.32 -2.91 3.55
N SER C 57 -30.27 -3.82 3.70
CA SER C 57 -30.16 -4.88 4.70
C SER C 57 -29.33 -6.06 4.25
N GLU C 58 -29.43 -6.44 2.98
CA GLU C 58 -28.67 -7.56 2.44
C GLU C 58 -27.30 -7.15 1.92
N ASN C 59 -26.99 -5.85 1.94
CA ASN C 59 -25.69 -5.37 1.47
C ASN C 59 -24.64 -5.63 2.54
N PRO C 60 -23.60 -6.42 2.25
CA PRO C 60 -22.58 -6.68 3.28
C PRO C 60 -21.60 -5.53 3.49
N PHE C 61 -21.68 -4.47 2.68
CA PHE C 61 -20.81 -3.31 2.83
C PHE C 61 -21.57 -2.11 3.37
N VAL D 2 4.67 -29.47 13.71
CA VAL D 2 4.36 -28.65 14.91
C VAL D 2 4.51 -29.50 16.15
N GLN D 3 5.10 -28.93 17.20
CA GLN D 3 5.34 -29.67 18.43
C GLN D 3 5.40 -28.69 19.59
N LEU D 4 4.32 -28.60 20.35
CA LEU D 4 4.28 -27.84 21.60
C LEU D 4 4.47 -28.81 22.76
N VAL D 5 5.52 -28.58 23.54
CA VAL D 5 5.83 -29.41 24.71
C VAL D 5 5.97 -28.49 25.91
N GLU D 6 5.19 -28.76 26.95
CA GLU D 6 5.21 -27.95 28.15
C GLU D 6 6.04 -28.60 29.24
N SER D 7 6.64 -27.76 30.08
CA SER D 7 7.43 -28.23 31.20
C SER D 7 7.13 -27.36 32.41
N GLY D 8 7.04 -28.00 33.57
CA GLY D 8 6.76 -27.30 34.81
C GLY D 8 5.83 -28.05 35.73
N GLY D 9 5.30 -29.18 35.25
CA GLY D 9 4.38 -29.96 36.06
C GLY D 9 5.09 -30.64 37.22
N GLY D 10 4.32 -30.91 38.26
CA GLY D 10 4.85 -31.55 39.44
C GLY D 10 3.96 -31.31 40.65
N LEU D 11 4.44 -31.78 41.79
CA LEU D 11 3.74 -31.65 43.05
C LEU D 11 4.28 -30.47 43.83
N VAL D 12 3.38 -29.60 44.27
CA VAL D 12 3.74 -28.38 45.00
C VAL D 12 2.76 -28.18 46.15
N GLN D 13 3.31 -27.75 47.32
CA GLN D 13 2.47 -27.49 48.48
C GLN D 13 1.67 -26.21 48.30
N PRO D 14 0.56 -26.06 49.02
CA PRO D 14 -0.24 -24.83 48.88
C PRO D 14 0.54 -23.60 49.33
N GLY D 15 0.22 -22.47 48.71
CA GLY D 15 0.83 -21.20 49.04
C GLY D 15 2.08 -20.89 48.25
N GLY D 16 2.68 -21.87 47.61
CA GLY D 16 3.88 -21.64 46.81
C GLY D 16 3.54 -21.10 45.44
N SER D 17 4.59 -20.93 44.64
CA SER D 17 4.46 -20.44 43.28
C SER D 17 5.30 -21.29 42.35
N ARG D 18 4.76 -21.57 41.16
CA ARG D 18 5.46 -22.33 40.14
C ARG D 18 5.37 -21.59 38.81
N LYS D 19 6.03 -22.16 37.81
CA LYS D 19 6.04 -21.61 36.46
C LYS D 19 5.92 -22.75 35.46
N LEU D 20 5.07 -22.57 34.46
CA LEU D 20 4.92 -23.54 33.40
C LEU D 20 5.36 -22.93 32.08
N SER D 21 6.29 -23.60 31.41
CA SER D 21 6.82 -23.16 30.13
C SER D 21 6.24 -24.03 29.03
N CYS D 22 6.03 -23.42 27.86
CA CYS D 22 5.50 -24.11 26.68
C CYS D 22 6.46 -23.83 25.54
N SER D 23 7.49 -24.67 25.41
CA SER D 23 8.52 -24.47 24.41
C SER D 23 8.01 -24.94 23.06
N ALA D 24 7.70 -24.00 22.17
CA ALA D 24 7.14 -24.30 20.86
C ALA D 24 8.26 -24.60 19.86
N SER D 25 7.91 -25.33 18.81
CA SER D 25 8.86 -25.69 17.77
C SER D 25 8.09 -26.11 16.53
N GLY D 26 8.27 -25.40 15.43
CA GLY D 26 7.73 -25.85 14.15
C GLY D 26 6.69 -24.94 13.54
N PHE D 27 6.50 -23.75 14.09
CA PHE D 27 5.56 -22.80 13.53
C PHE D 27 5.98 -21.38 13.88
N ALA D 28 5.29 -20.41 13.29
CA ALA D 28 5.59 -18.99 13.50
C ALA D 28 4.97 -18.56 14.83
N PHE D 29 5.69 -18.84 15.91
CA PHE D 29 5.22 -18.53 17.26
C PHE D 29 4.62 -17.14 17.36
N SER D 30 5.34 -16.14 16.83
CA SER D 30 4.94 -14.75 17.04
C SER D 30 3.57 -14.46 16.45
N SER D 31 3.14 -15.26 15.48
CA SER D 31 1.87 -14.99 14.81
C SER D 31 0.68 -15.69 15.49
N PHE D 32 0.91 -16.43 16.56
CA PHE D 32 -0.12 -17.25 17.20
C PHE D 32 -0.39 -16.74 18.60
N GLY D 33 -1.67 -16.50 18.90
CA GLY D 33 -2.08 -16.33 20.28
C GLY D 33 -2.15 -17.66 20.99
N MET D 34 -1.96 -17.63 22.30
CA MET D 34 -1.81 -18.84 23.09
C MET D 34 -2.80 -18.86 24.25
N HIS D 35 -3.19 -20.07 24.64
CA HIS D 35 -4.08 -20.30 25.77
C HIS D 35 -3.41 -21.29 26.72
N TRP D 36 -4.05 -21.52 27.86
CA TRP D 36 -3.56 -22.48 28.86
C TRP D 36 -4.71 -23.30 29.42
N VAL D 37 -5.59 -23.78 28.54
CA VAL D 37 -6.68 -24.64 28.97
C VAL D 37 -6.14 -25.71 29.92
N ARG D 38 -6.90 -26.00 30.97
CA ARG D 38 -6.52 -27.00 31.96
C ARG D 38 -7.64 -28.02 32.12
N GLN D 39 -7.33 -29.08 32.85
CA GLN D 39 -8.31 -30.15 33.09
C GLN D 39 -8.04 -30.77 34.45
N ALA D 40 -9.02 -30.68 35.34
CA ALA D 40 -8.92 -31.37 36.62
C ALA D 40 -9.10 -32.87 36.41
N PRO D 41 -8.66 -33.68 37.36
CA PRO D 41 -8.76 -35.13 37.18
C PRO D 41 -10.18 -35.59 36.91
N GLU D 42 -10.37 -36.24 35.77
CA GLU D 42 -11.62 -36.92 35.41
C GLU D 42 -12.85 -36.05 35.69
N LYS D 43 -12.72 -34.74 35.49
CA LYS D 43 -13.85 -33.82 35.67
C LYS D 43 -14.24 -33.13 34.37
N GLY D 44 -13.30 -32.47 33.70
CA GLY D 44 -13.62 -31.75 32.48
C GLY D 44 -12.64 -30.63 32.26
N LEU D 45 -12.73 -30.03 31.08
CA LEU D 45 -11.80 -28.98 30.71
C LEU D 45 -12.25 -27.64 31.30
N GLU D 46 -11.29 -26.73 31.44
CA GLU D 46 -11.56 -25.42 32.03
C GLU D 46 -10.46 -24.45 31.61
N TRP D 47 -10.84 -23.36 30.96
CA TRP D 47 -9.87 -22.42 30.44
C TRP D 47 -9.16 -21.69 31.58
N VAL D 48 -7.95 -21.22 31.32
CA VAL D 48 -7.12 -20.59 32.35
C VAL D 48 -6.74 -19.17 31.97
N ALA D 49 -6.12 -18.99 30.80
CA ALA D 49 -5.61 -17.68 30.43
C ALA D 49 -5.51 -17.59 28.91
N TYR D 50 -5.28 -16.36 28.44
CA TYR D 50 -5.12 -16.06 27.02
C TYR D 50 -4.10 -14.94 26.86
N ILE D 51 -3.34 -14.99 25.78
CA ILE D 51 -2.40 -13.93 25.45
C ILE D 51 -2.31 -13.79 23.94
N SER D 52 -2.77 -12.65 23.42
CA SER D 52 -2.87 -12.47 21.98
C SER D 52 -1.49 -12.27 21.37
N SER D 53 -1.47 -12.16 20.03
CA SER D 53 -0.23 -11.89 19.32
C SER D 53 0.24 -10.48 19.61
N GLY D 54 1.55 -10.33 19.83
CA GLY D 54 2.10 -9.07 20.26
C GLY D 54 1.94 -8.79 21.74
N SER D 55 1.43 -9.75 22.51
CA SER D 55 1.24 -9.58 23.95
C SER D 55 0.35 -8.38 24.24
N GLY D 56 -0.49 -7.98 23.29
CA GLY D 56 -1.36 -6.85 23.48
C GLY D 56 -2.52 -7.13 24.39
N THR D 57 -3.24 -8.22 24.14
CA THR D 57 -4.41 -8.59 24.91
C THR D 57 -4.09 -9.72 25.87
N ILE D 58 -4.64 -9.67 27.07
CA ILE D 58 -4.53 -10.74 28.04
C ILE D 58 -5.86 -10.88 28.75
N TYR D 59 -6.32 -12.11 28.94
CA TYR D 59 -7.52 -12.42 29.69
C TYR D 59 -7.22 -13.55 30.66
N TYR D 60 -7.91 -13.57 31.80
CA TYR D 60 -7.73 -14.61 32.80
C TYR D 60 -9.10 -15.17 33.19
N ALA D 61 -9.08 -16.41 33.67
CA ALA D 61 -10.30 -17.00 34.19
C ALA D 61 -10.68 -16.33 35.50
N ASP D 62 -11.98 -16.12 35.69
CA ASP D 62 -12.44 -15.40 36.89
C ASP D 62 -12.09 -16.13 38.17
N THR D 63 -11.80 -17.44 38.09
CA THR D 63 -11.47 -18.19 39.31
C THR D 63 -10.13 -17.76 39.88
N VAL D 64 -9.17 -17.41 39.01
CA VAL D 64 -7.81 -17.09 39.45
C VAL D 64 -7.35 -15.78 38.84
N LYS D 65 -8.27 -14.93 38.41
CA LYS D 65 -7.90 -13.66 37.81
C LYS D 65 -7.06 -12.87 38.79
N GLY D 66 -5.90 -12.41 38.34
CA GLY D 66 -4.97 -11.70 39.19
C GLY D 66 -4.05 -12.59 40.00
N ARG D 67 -4.34 -13.88 40.09
CA ARG D 67 -3.46 -14.83 40.77
C ARG D 67 -2.50 -15.52 39.81
N PHE D 68 -2.90 -15.71 38.56
CA PHE D 68 -2.02 -16.20 37.51
C PHE D 68 -1.60 -15.03 36.63
N THR D 69 -0.42 -15.16 36.04
CA THR D 69 0.06 -14.19 35.07
C THR D 69 0.66 -14.93 33.88
N ILE D 70 0.44 -14.40 32.69
CA ILE D 70 0.86 -15.02 31.44
C ILE D 70 1.81 -14.08 30.73
N SER D 71 2.95 -14.61 30.27
CA SER D 71 3.95 -13.86 29.54
C SER D 71 4.41 -14.66 28.34
N ARG D 72 4.58 -14.00 27.20
CA ARG D 72 4.99 -14.65 25.96
C ARG D 72 6.33 -14.08 25.51
N ASP D 73 7.29 -14.96 25.26
CA ASP D 73 8.63 -14.59 24.83
C ASP D 73 8.80 -14.97 23.37
N ASP D 74 8.42 -14.05 22.47
CA ASP D 74 8.25 -14.40 21.06
C ASP D 74 9.57 -14.63 20.33
N PRO D 75 10.65 -13.85 20.59
CA PRO D 75 11.89 -14.08 19.84
C PRO D 75 12.51 -15.44 20.16
N LYS D 76 12.10 -16.03 21.28
CA LYS D 76 12.64 -17.32 21.72
C LYS D 76 11.67 -18.47 21.56
N ASN D 77 10.39 -18.21 21.27
CA ASN D 77 9.37 -19.26 21.16
C ASN D 77 9.27 -20.04 22.47
N THR D 78 8.88 -19.33 23.52
CA THR D 78 8.67 -19.96 24.83
C THR D 78 7.61 -19.17 25.57
N LEU D 79 6.46 -19.78 25.79
CA LEU D 79 5.34 -19.16 26.48
C LEU D 79 5.34 -19.61 27.94
N PHE D 80 5.04 -18.68 28.84
CA PHE D 80 5.05 -18.95 30.27
C PHE D 80 3.69 -18.63 30.89
N LEU D 81 3.39 -19.33 31.97
CA LEU D 81 2.25 -19.03 32.83
C LEU D 81 2.73 -19.19 34.27
N GLN D 82 2.91 -18.08 34.97
CA GLN D 82 3.45 -18.10 36.33
C GLN D 82 2.30 -18.02 37.31
N MET D 83 2.06 -19.11 38.03
CA MET D 83 1.01 -19.18 39.03
C MET D 83 1.57 -18.73 40.37
N THR D 84 0.94 -17.72 40.97
CA THR D 84 1.42 -17.14 42.22
C THR D 84 0.99 -17.94 43.44
N SER D 85 -0.32 -18.09 43.65
CA SER D 85 -0.84 -18.83 44.79
C SER D 85 -1.78 -19.91 44.28
N LEU D 86 -1.52 -21.15 44.68
CA LEU D 86 -2.28 -22.30 44.21
C LEU D 86 -2.99 -22.93 45.39
N ARG D 87 -4.30 -23.15 45.25
CA ARG D 87 -5.08 -23.84 46.25
C ARG D 87 -5.20 -25.32 45.88
N SER D 88 -6.00 -26.07 46.63
CA SER D 88 -6.23 -27.48 46.33
C SER D 88 -7.09 -27.69 45.10
N GLU D 89 -7.67 -26.63 44.55
CA GLU D 89 -8.49 -26.71 43.35
C GLU D 89 -7.71 -26.46 42.07
N ASP D 90 -6.49 -25.92 42.16
CA ASP D 90 -5.70 -25.64 40.96
C ASP D 90 -5.03 -26.88 40.40
N THR D 91 -5.03 -28.00 41.12
CA THR D 91 -4.48 -29.24 40.58
C THR D 91 -5.22 -29.60 39.31
N ALA D 92 -4.47 -29.90 38.25
CA ALA D 92 -5.07 -30.22 36.96
C ALA D 92 -3.95 -30.57 35.98
N MET D 93 -4.35 -31.02 34.80
CA MET D 93 -3.45 -31.17 33.66
C MET D 93 -3.58 -29.93 32.80
N TYR D 94 -2.52 -29.12 32.76
CA TYR D 94 -2.53 -27.87 32.01
C TYR D 94 -2.02 -28.10 30.60
N TYR D 95 -2.84 -27.73 29.62
CA TYR D 95 -2.50 -27.84 28.22
C TYR D 95 -2.02 -26.48 27.71
N CYS D 96 -1.24 -26.51 26.62
CA CYS D 96 -0.77 -25.31 25.95
C CYS D 96 -1.35 -25.33 24.54
N VAL D 97 -2.28 -24.42 24.26
CA VAL D 97 -3.04 -24.42 23.02
C VAL D 97 -2.68 -23.17 22.23
N ARG D 98 -2.55 -23.32 20.92
CA ARG D 98 -2.34 -22.18 20.04
C ARG D 98 -3.65 -21.76 19.39
N SER D 99 -3.68 -20.55 18.85
CA SER D 99 -4.88 -20.02 18.23
C SER D 99 -4.48 -18.85 17.36
N ILE D 100 -4.87 -18.89 16.08
CA ILE D 100 -4.60 -17.82 15.14
C ILE D 100 -5.93 -17.29 14.62
N TYR D 101 -6.14 -15.98 14.76
CA TYR D 101 -7.42 -15.36 14.47
C TYR D 101 -7.28 -14.49 13.23
N TYR D 102 -7.90 -14.93 12.15
CA TYR D 102 -8.18 -14.11 10.98
C TYR D 102 -9.35 -14.76 10.27
N TYR D 103 -9.81 -14.14 9.18
CA TYR D 103 -11.03 -14.62 8.55
C TYR D 103 -10.77 -15.97 7.88
N GLY D 104 -11.17 -17.04 8.55
CA GLY D 104 -11.10 -18.37 7.96
C GLY D 104 -10.15 -19.31 8.67
N SER D 105 -9.61 -18.88 9.81
CA SER D 105 -8.69 -19.73 10.55
C SER D 105 -9.45 -20.72 11.43
N SER D 106 -8.75 -21.78 11.82
CA SER D 106 -9.23 -22.76 12.79
C SER D 106 -8.50 -22.47 14.09
N PRO D 107 -9.07 -21.64 14.97
CA PRO D 107 -8.28 -21.06 16.06
C PRO D 107 -8.07 -21.95 17.26
N PHE D 108 -8.33 -23.25 17.14
CA PHE D 108 -8.04 -24.16 18.23
C PHE D 108 -7.47 -25.46 17.66
N ASP D 109 -6.73 -25.34 16.56
CA ASP D 109 -6.35 -26.50 15.75
C ASP D 109 -5.47 -27.46 16.53
N PHE D 110 -4.38 -26.96 17.12
CA PHE D 110 -3.36 -27.82 17.71
C PHE D 110 -3.31 -27.61 19.22
N TRP D 111 -3.33 -28.71 19.97
CA TRP D 111 -3.27 -28.70 21.42
C TRP D 111 -2.00 -29.39 21.89
N GLY D 112 -1.27 -28.74 22.78
CA GLY D 112 -0.05 -29.30 23.32
C GLY D 112 -0.28 -30.65 23.98
N GLN D 113 0.81 -31.22 24.48
CA GLN D 113 0.75 -32.53 25.12
C GLN D 113 0.36 -32.46 26.59
N GLY D 114 0.19 -31.27 27.15
CA GLY D 114 -0.26 -31.12 28.51
C GLY D 114 0.80 -31.52 29.52
N THR D 115 0.68 -30.94 30.71
CA THR D 115 1.59 -31.21 31.82
C THR D 115 0.78 -31.40 33.09
N THR D 116 1.24 -32.29 33.97
CA THR D 116 0.52 -32.62 35.19
C THR D 116 0.99 -31.75 36.34
N LEU D 117 0.07 -30.99 36.91
CA LEU D 117 0.33 -30.17 38.08
C LEU D 117 -0.59 -30.62 39.21
N THR D 118 0.00 -30.92 40.37
CA THR D 118 -0.73 -31.44 41.51
C THR D 118 -0.45 -30.56 42.71
N VAL D 119 -1.49 -30.30 43.51
CA VAL D 119 -1.38 -29.51 44.74
C VAL D 119 -1.95 -30.35 45.88
N SER D 120 -1.14 -30.56 46.92
CA SER D 120 -1.58 -31.36 48.05
C SER D 120 -2.62 -30.60 48.87
N SER D 121 -3.45 -31.35 49.58
CA SER D 121 -4.48 -30.78 50.43
C SER D 121 -3.91 -30.42 51.80
N SER D 136 -23.94 -14.32 34.46
CA SER D 136 -22.67 -13.71 34.05
C SER D 136 -22.04 -14.54 32.93
N ASP D 137 -21.18 -15.48 33.31
CA ASP D 137 -20.51 -16.32 32.33
C ASP D 137 -21.51 -17.29 31.69
N ILE D 138 -21.31 -17.54 30.40
CA ILE D 138 -22.15 -18.48 29.68
C ILE D 138 -21.89 -19.89 30.21
N VAL D 139 -22.96 -20.64 30.44
CA VAL D 139 -22.87 -21.98 31.02
C VAL D 139 -23.18 -22.99 29.93
N MET D 140 -22.26 -23.91 29.69
CA MET D 140 -22.40 -24.95 28.68
C MET D 140 -22.66 -26.28 29.38
N THR D 141 -23.76 -26.93 29.03
CA THR D 141 -24.21 -28.15 29.69
C THR D 141 -24.26 -29.29 28.67
N GLN D 142 -23.68 -30.43 29.04
CA GLN D 142 -23.77 -31.64 28.24
C GLN D 142 -24.78 -32.59 28.87
N ALA D 143 -25.59 -33.23 28.00
CA ALA D 143 -26.75 -33.97 28.48
C ALA D 143 -26.36 -35.12 29.40
N THR D 144 -25.34 -35.90 29.04
CA THR D 144 -25.03 -37.13 29.75
C THR D 144 -23.54 -37.16 30.06
N SER D 145 -23.08 -38.29 30.58
CA SER D 145 -21.67 -38.50 30.88
C SER D 145 -21.14 -39.84 30.37
N SER D 146 -21.99 -40.72 29.85
CA SER D 146 -21.53 -42.00 29.31
C SER D 146 -22.56 -42.52 28.33
N VAL D 147 -22.11 -43.01 27.19
CA VAL D 147 -22.98 -43.52 26.14
C VAL D 147 -22.35 -44.77 25.55
N PRO D 148 -22.85 -45.97 25.85
CA PRO D 148 -22.30 -47.18 25.22
C PRO D 148 -22.79 -47.35 23.80
N VAL D 149 -21.87 -47.79 22.93
CA VAL D 149 -22.18 -48.01 21.52
C VAL D 149 -21.15 -48.96 20.95
N THR D 150 -21.47 -49.56 19.81
CA THR D 150 -20.60 -50.48 19.10
C THR D 150 -20.20 -49.91 17.75
N PRO D 151 -19.10 -50.40 17.17
CA PRO D 151 -18.66 -49.85 15.87
C PRO D 151 -19.70 -50.03 14.79
N GLY D 152 -19.72 -49.08 13.86
CA GLY D 152 -20.67 -49.09 12.77
C GLY D 152 -22.01 -48.45 13.07
N GLU D 153 -22.21 -47.94 14.28
CA GLU D 153 -23.46 -47.31 14.67
C GLU D 153 -23.25 -45.80 14.75
N SER D 154 -24.05 -45.06 13.99
CA SER D 154 -23.96 -43.60 14.04
C SER D 154 -24.42 -43.11 15.41
N VAL D 155 -23.68 -42.15 15.96
CA VAL D 155 -23.96 -41.60 17.28
C VAL D 155 -24.15 -40.09 17.16
N SER D 156 -24.96 -39.55 18.06
CA SER D 156 -25.22 -38.11 18.11
C SER D 156 -25.02 -37.63 19.55
N ILE D 157 -24.12 -36.67 19.72
CA ILE D 157 -23.87 -36.04 21.01
C ILE D 157 -24.39 -34.61 20.95
N SER D 158 -24.86 -34.10 22.08
CA SER D 158 -25.46 -32.78 22.14
C SER D 158 -25.12 -32.10 23.46
N CYS D 159 -24.91 -30.79 23.38
CA CYS D 159 -24.68 -29.98 24.58
C CYS D 159 -25.44 -28.66 24.39
N ARG D 160 -25.83 -28.07 25.51
CA ARG D 160 -26.65 -26.87 25.51
C ARG D 160 -25.85 -25.69 26.05
N SER D 161 -26.28 -24.49 25.64
CA SER D 161 -25.64 -23.25 26.05
C SER D 161 -26.67 -22.32 26.67
N SER D 162 -26.18 -21.35 27.44
CA SER D 162 -27.07 -20.42 28.13
C SER D 162 -27.64 -19.39 27.17
N LYS D 163 -26.78 -18.64 26.49
CA LYS D 163 -27.22 -17.65 25.53
C LYS D 163 -27.26 -18.26 24.12
N SER D 164 -27.54 -17.42 23.13
CA SER D 164 -27.51 -17.85 21.74
C SER D 164 -26.18 -17.49 21.12
N LEU D 165 -25.38 -18.49 20.78
CA LEU D 165 -24.02 -18.26 20.28
C LEU D 165 -23.99 -17.63 18.90
N LEU D 166 -25.10 -17.60 18.18
CA LEU D 166 -25.11 -17.07 16.82
C LEU D 166 -24.92 -15.57 16.87
N HIS D 167 -23.69 -15.11 16.66
CA HIS D 167 -23.38 -13.69 16.67
C HIS D 167 -23.98 -13.01 15.44
N SER D 168 -24.07 -11.68 15.50
CA SER D 168 -24.59 -10.93 14.37
C SER D 168 -23.81 -11.23 13.10
N ASN D 169 -22.52 -11.55 13.24
CA ASN D 169 -21.72 -11.94 12.07
C ASN D 169 -22.33 -13.13 11.36
N GLY D 170 -22.90 -14.07 12.12
CA GLY D 170 -23.31 -15.35 11.61
C GLY D 170 -22.48 -16.50 12.13
N ASN D 171 -21.33 -16.22 12.72
CA ASN D 171 -20.45 -17.27 13.24
C ASN D 171 -21.00 -17.77 14.56
N THR D 172 -21.28 -19.07 14.64
CA THR D 172 -21.71 -19.73 15.87
C THR D 172 -20.45 -20.25 16.56
N TYR D 173 -19.93 -19.47 17.50
CA TYR D 173 -18.63 -19.77 18.08
C TYR D 173 -18.73 -20.96 19.02
N LEU D 174 -18.93 -22.15 18.46
CA LEU D 174 -18.98 -23.39 19.21
C LEU D 174 -17.85 -24.31 18.73
N TYR D 175 -17.07 -24.82 19.68
CA TYR D 175 -15.91 -25.64 19.38
C TYR D 175 -16.10 -27.03 19.96
N TRP D 176 -15.73 -28.05 19.17
CA TRP D 176 -15.84 -29.45 19.56
C TRP D 176 -14.44 -30.04 19.63
N PHE D 177 -14.15 -30.76 20.70
CA PHE D 177 -12.87 -31.42 20.88
C PHE D 177 -13.10 -32.91 21.14
N LEU D 178 -11.99 -33.65 21.17
CA LEU D 178 -12.04 -35.08 21.45
C LEU D 178 -10.75 -35.48 22.15
N GLN D 179 -10.87 -35.99 23.37
CA GLN D 179 -9.74 -36.40 24.18
C GLN D 179 -9.76 -37.93 24.28
N ARG D 180 -9.07 -38.60 23.36
CA ARG D 180 -8.99 -40.04 23.40
C ARG D 180 -8.23 -40.48 24.65
N PRO D 181 -8.46 -41.69 25.13
CA PRO D 181 -7.82 -42.14 26.38
C PRO D 181 -6.31 -41.98 26.33
N GLY D 182 -5.77 -41.21 27.27
CA GLY D 182 -4.34 -41.03 27.40
C GLY D 182 -3.73 -39.99 26.50
N GLN D 183 -4.52 -39.33 25.65
CA GLN D 183 -4.03 -38.34 24.71
C GLN D 183 -4.48 -36.95 25.13
N SER D 184 -4.17 -35.97 24.29
CA SER D 184 -4.60 -34.60 24.47
C SER D 184 -5.70 -34.26 23.48
N PRO D 185 -6.54 -33.26 23.79
CA PRO D 185 -7.66 -32.94 22.90
C PRO D 185 -7.21 -32.69 21.48
N GLN D 186 -8.18 -32.71 20.57
CA GLN D 186 -7.92 -32.55 19.15
C GLN D 186 -9.17 -31.96 18.51
N LEU D 187 -9.03 -30.76 17.97
CA LEU D 187 -10.19 -30.04 17.45
C LEU D 187 -10.88 -30.85 16.36
N LEU D 188 -12.21 -30.76 16.32
CA LEU D 188 -13.00 -31.45 15.32
C LEU D 188 -13.88 -30.47 14.54
N ILE D 189 -14.48 -29.51 15.24
CA ILE D 189 -15.39 -28.56 14.61
C ILE D 189 -15.18 -27.18 15.25
N TYR D 190 -14.56 -26.25 14.53
CA TYR D 190 -14.14 -25.01 15.19
C TYR D 190 -15.22 -23.94 15.22
N ARG D 191 -16.22 -23.99 14.34
CA ARG D 191 -17.33 -23.04 14.39
C ARG D 191 -18.66 -23.75 14.11
N MET D 192 -18.83 -24.90 14.72
CA MET D 192 -20.09 -25.63 14.77
C MET D 192 -20.47 -26.28 13.45
N SER D 193 -19.75 -25.98 12.36
CA SER D 193 -20.07 -26.59 11.08
C SER D 193 -18.84 -26.85 10.21
N ASN D 194 -17.64 -26.56 10.71
CA ASN D 194 -16.43 -26.59 9.89
C ASN D 194 -15.47 -27.62 10.46
N LEU D 195 -15.12 -28.61 9.64
CA LEU D 195 -14.20 -29.66 10.08
C LEU D 195 -12.81 -29.09 10.30
N ALA D 196 -12.10 -29.64 11.28
CA ALA D 196 -10.75 -29.22 11.58
C ALA D 196 -9.81 -29.80 10.52
N SER D 197 -8.50 -29.66 10.72
CA SER D 197 -7.52 -30.13 9.74
C SER D 197 -7.01 -31.50 10.19
N GLY D 198 -7.03 -32.46 9.27
CA GLY D 198 -6.51 -33.78 9.54
C GLY D 198 -7.48 -34.73 10.23
N VAL D 199 -8.74 -34.35 10.39
CA VAL D 199 -9.73 -35.24 10.99
C VAL D 199 -10.54 -35.90 9.89
N PRO D 200 -10.95 -37.15 10.04
CA PRO D 200 -11.77 -37.78 8.99
C PRO D 200 -13.05 -37.02 8.76
N ASP D 201 -13.53 -37.04 7.52
CA ASP D 201 -14.68 -36.25 7.10
C ASP D 201 -16.02 -36.87 7.50
N ARG D 202 -16.02 -37.91 8.31
CA ARG D 202 -17.28 -38.47 8.80
C ARG D 202 -17.93 -37.61 9.88
N PHE D 203 -17.13 -36.87 10.65
CA PHE D 203 -17.68 -35.99 11.66
C PHE D 203 -18.48 -34.87 11.01
N SER D 204 -19.54 -34.44 11.71
CA SER D 204 -20.36 -33.34 11.23
C SER D 204 -21.11 -32.73 12.41
N GLY D 205 -21.15 -31.42 12.44
CA GLY D 205 -21.83 -30.70 13.50
C GLY D 205 -22.99 -29.88 12.95
N SER D 206 -23.99 -29.67 13.79
CA SER D 206 -25.17 -28.89 13.42
C SER D 206 -25.72 -28.24 14.67
N GLY D 207 -26.96 -27.76 14.57
CA GLY D 207 -27.64 -27.15 15.69
C GLY D 207 -27.71 -25.65 15.61
N SER D 208 -28.76 -25.07 16.20
CA SER D 208 -28.97 -23.63 16.18
C SER D 208 -29.40 -23.17 17.56
N GLY D 209 -29.35 -21.86 17.76
CA GLY D 209 -29.75 -21.31 19.05
C GLY D 209 -28.88 -21.86 20.17
N THR D 210 -29.53 -22.22 21.27
CA THR D 210 -28.81 -22.77 22.41
C THR D 210 -28.38 -24.20 22.16
N ALA D 211 -29.26 -25.02 21.57
CA ALA D 211 -28.98 -26.43 21.41
C ALA D 211 -28.00 -26.67 20.27
N PHE D 212 -27.14 -27.67 20.45
CA PHE D 212 -26.17 -28.06 19.44
C PHE D 212 -25.96 -29.57 19.52
N THR D 213 -25.62 -30.18 18.39
CA THR D 213 -25.43 -31.63 18.34
C THR D 213 -24.30 -31.97 17.37
N LEU D 214 -23.53 -32.99 17.73
CA LEU D 214 -22.46 -33.52 16.89
C LEU D 214 -22.86 -34.94 16.48
N THR D 215 -22.80 -35.21 15.18
CA THR D 215 -23.17 -36.52 14.63
C THR D 215 -21.95 -37.20 14.05
N ILE D 216 -21.72 -38.46 14.43
CA ILE D 216 -20.57 -39.24 13.99
C ILE D 216 -21.13 -40.44 13.24
N SER D 217 -21.02 -40.40 11.91
CA SER D 217 -21.45 -41.51 11.08
C SER D 217 -20.31 -42.49 10.85
N ARG D 218 -20.65 -43.78 10.77
CA ARG D 218 -19.67 -44.83 10.56
C ARG D 218 -18.59 -44.78 11.63
N LEU D 219 -19.03 -44.90 12.89
CA LEU D 219 -18.13 -44.80 14.02
C LEU D 219 -17.04 -45.85 13.93
N GLU D 220 -15.79 -45.44 14.19
CA GLU D 220 -14.66 -46.33 14.16
C GLU D 220 -14.22 -46.70 15.58
N ALA D 221 -13.31 -47.66 15.68
CA ALA D 221 -12.86 -48.11 16.99
C ALA D 221 -12.13 -47.01 17.74
N GLU D 222 -11.32 -46.21 17.05
CA GLU D 222 -10.47 -45.22 17.68
C GLU D 222 -11.19 -43.90 17.94
N ASP D 223 -12.48 -43.80 17.63
CA ASP D 223 -13.23 -42.59 17.88
C ASP D 223 -13.76 -42.50 19.30
N VAL D 224 -13.51 -43.51 20.13
CA VAL D 224 -13.98 -43.50 21.51
C VAL D 224 -13.20 -42.46 22.30
N GLY D 225 -13.87 -41.85 23.28
CA GLY D 225 -13.22 -40.87 24.13
C GLY D 225 -14.19 -39.83 24.67
N VAL D 226 -13.69 -38.95 25.53
CA VAL D 226 -14.51 -37.91 26.14
C VAL D 226 -14.57 -36.72 25.19
N TYR D 227 -15.75 -36.51 24.59
CA TYR D 227 -15.96 -35.34 23.74
C TYR D 227 -16.15 -34.11 24.62
N TYR D 228 -16.05 -32.95 23.98
CA TYR D 228 -16.19 -31.68 24.68
C TYR D 228 -16.78 -30.65 23.73
N CYS D 229 -17.52 -29.71 24.29
CA CYS D 229 -18.07 -28.60 23.54
C CYS D 229 -17.71 -27.31 24.26
N MET D 230 -17.15 -26.37 23.52
CA MET D 230 -16.69 -25.10 24.07
C MET D 230 -17.26 -23.95 23.23
N GLN D 231 -17.45 -22.81 23.89
CA GLN D 231 -17.95 -21.61 23.25
C GLN D 231 -16.86 -20.56 23.23
N HIS D 232 -16.83 -19.77 22.16
CA HIS D 232 -15.86 -18.69 22.01
C HIS D 232 -16.55 -17.42 21.56
N LEU D 233 -17.80 -17.21 21.98
CA LEU D 233 -18.49 -15.97 21.67
C LEU D 233 -17.92 -14.81 22.47
N GLU D 234 -17.58 -15.05 23.73
CA GLU D 234 -17.09 -13.99 24.61
C GLU D 234 -16.36 -14.62 25.78
N TYR D 235 -15.30 -13.97 26.21
CA TYR D 235 -14.56 -14.44 27.37
C TYR D 235 -15.41 -14.28 28.63
N PRO D 236 -15.27 -15.17 29.63
CA PRO D 236 -14.33 -16.30 29.70
C PRO D 236 -14.78 -17.48 28.84
N LEU D 237 -13.84 -18.33 28.43
CA LEU D 237 -14.18 -19.51 27.66
C LEU D 237 -14.62 -20.63 28.59
N THR D 238 -15.75 -21.26 28.26
CA THR D 238 -16.38 -22.26 29.11
C THR D 238 -16.50 -23.57 28.38
N PHE D 239 -16.28 -24.67 29.09
CA PHE D 239 -16.30 -26.01 28.51
C PHE D 239 -17.51 -26.77 29.00
N GLY D 240 -17.97 -27.72 28.18
CA GLY D 240 -19.04 -28.59 28.58
C GLY D 240 -18.60 -29.59 29.64
N ALA D 241 -19.59 -30.27 30.22
CA ALA D 241 -19.27 -31.23 31.27
C ALA D 241 -18.42 -32.37 30.74
N GLY D 242 -18.72 -32.86 29.54
CA GLY D 242 -17.94 -33.91 28.92
C GLY D 242 -18.72 -35.18 28.68
N THR D 243 -18.95 -35.51 27.42
CA THR D 243 -19.63 -36.75 27.05
C THR D 243 -18.60 -37.81 26.68
N LYS D 244 -18.74 -38.99 27.24
CA LYS D 244 -17.83 -40.10 27.01
C LYS D 244 -18.54 -41.19 26.22
N LEU D 245 -17.97 -41.56 25.08
CA LEU D 245 -18.49 -42.67 24.30
C LEU D 245 -17.84 -43.97 24.78
N GLU D 246 -18.67 -44.95 25.13
CA GLU D 246 -18.21 -46.19 25.71
C GLU D 246 -18.36 -47.34 24.71
N LEU D 247 -17.43 -48.27 24.76
CA LEU D 247 -17.44 -49.43 23.88
C LEU D 247 -16.82 -50.64 24.58
N PRO E 55 -17.32 49.41 13.92
CA PRO E 55 -16.54 49.11 12.71
C PRO E 55 -15.28 48.31 13.00
N LEU E 56 -14.43 48.84 13.89
CA LEU E 56 -13.17 48.17 14.17
C LEU E 56 -13.39 46.70 14.51
N VAL E 57 -14.31 46.43 15.44
CA VAL E 57 -14.57 45.04 15.82
C VAL E 57 -14.87 44.20 14.60
N VAL E 58 -15.78 44.68 13.74
CA VAL E 58 -16.07 43.95 12.50
C VAL E 58 -14.78 43.53 11.82
N VAL E 59 -13.92 44.51 11.52
CA VAL E 59 -12.66 44.20 10.86
C VAL E 59 -11.90 43.16 11.67
N LEU E 60 -11.72 43.42 12.96
CA LEU E 60 -11.02 42.45 13.81
C LEU E 60 -11.66 41.09 13.68
N SER E 61 -12.99 41.02 13.80
CA SER E 61 -13.66 39.73 13.68
C SER E 61 -13.24 39.03 12.40
N THR E 62 -13.35 39.73 11.27
CA THR E 62 -12.89 39.12 10.02
C THR E 62 -11.52 38.50 10.19
N ILE E 63 -10.54 39.30 10.60
CA ILE E 63 -9.19 38.77 10.79
C ILE E 63 -9.27 37.49 11.62
N CYS E 64 -9.83 37.59 12.83
CA CYS E 64 -9.96 36.41 13.67
C CYS E 64 -10.48 35.23 12.86
N LEU E 65 -11.69 35.37 12.32
CA LEU E 65 -12.27 34.24 11.60
C LEU E 65 -11.31 33.75 10.54
N VAL E 66 -10.80 34.66 9.69
CA VAL E 66 -9.89 34.25 8.64
C VAL E 66 -8.82 33.34 9.22
N THR E 67 -8.09 33.82 10.23
CA THR E 67 -7.04 33.01 10.82
C THR E 67 -7.54 31.59 11.05
N VAL E 68 -8.55 31.44 11.90
CA VAL E 68 -9.04 30.11 12.22
C VAL E 68 -9.27 29.32 10.94
N GLY E 69 -10.12 29.86 10.05
CA GLY E 69 -10.41 29.14 8.83
C GLY E 69 -9.15 28.64 8.17
N LEU E 70 -8.25 29.55 7.82
CA LEU E 70 -7.06 29.14 7.09
C LEU E 70 -6.36 28.00 7.82
N ASN E 71 -6.10 28.17 9.11
CA ASN E 71 -5.37 27.14 9.84
C ASN E 71 -6.06 25.80 9.71
N LEU E 72 -7.37 25.77 9.95
CA LEU E 72 -8.07 24.49 9.86
C LEU E 72 -7.79 23.84 8.52
N LEU E 73 -7.94 24.59 7.43
CA LEU E 73 -7.70 24.02 6.11
C LEU E 73 -6.34 23.34 6.07
N VAL E 74 -5.29 24.05 6.49
CA VAL E 74 -3.96 23.48 6.43
C VAL E 74 -3.93 22.15 7.17
N LEU E 75 -4.44 22.13 8.41
CA LEU E 75 -4.42 20.89 9.16
C LEU E 75 -5.17 19.80 8.40
N TYR E 76 -6.35 20.12 7.89
CA TYR E 76 -7.10 19.11 7.15
C TYR E 76 -6.26 18.54 6.02
N ALA E 77 -5.50 19.40 5.32
CA ALA E 77 -4.68 18.91 4.23
C ALA E 77 -3.69 17.87 4.73
N VAL E 78 -3.00 18.16 5.84
CA VAL E 78 -1.98 17.23 6.31
C VAL E 78 -2.62 15.96 6.85
N ARG E 79 -3.95 15.94 6.94
CA ARG E 79 -4.63 14.72 7.36
C ARG E 79 -5.02 13.87 6.15
N SER E 80 -5.21 14.50 5.00
CA SER E 80 -5.91 13.85 3.89
C SER E 80 -4.97 13.31 2.82
N GLU E 81 -4.01 14.11 2.36
CA GLU E 81 -3.31 13.78 1.12
C GLU E 81 -2.53 12.48 1.24
N ARG E 82 -1.80 12.31 2.34
CA ARG E 82 -0.87 11.22 2.62
C ARG E 82 0.43 11.36 1.82
N LYS E 83 0.51 12.28 0.86
CA LYS E 83 1.80 12.67 0.31
C LYS E 83 2.42 13.80 1.11
N LEU E 84 1.63 14.47 1.96
CA LEU E 84 2.09 15.49 2.87
C LEU E 84 2.55 14.93 4.20
N HIS E 85 2.40 13.61 4.42
CA HIS E 85 2.85 12.98 5.65
C HIS E 85 4.36 12.78 5.58
N THR E 86 5.07 13.89 5.48
CA THR E 86 6.52 13.92 5.44
C THR E 86 7.05 14.40 6.78
N VAL E 87 8.37 14.55 6.87
CA VAL E 87 9.01 15.07 8.07
C VAL E 87 9.18 16.58 8.03
N GLY E 88 8.89 17.20 6.89
CA GLY E 88 8.96 18.64 6.76
C GLY E 88 7.59 19.30 6.84
N ASN E 89 6.56 18.51 7.17
CA ASN E 89 5.21 19.03 7.30
C ASN E 89 4.64 18.85 8.70
N LEU E 90 5.26 18.03 9.55
CA LEU E 90 4.83 17.99 10.94
C LEU E 90 5.03 19.33 11.60
N TYR E 91 6.10 20.04 11.26
CA TYR E 91 6.32 21.38 11.77
C TYR E 91 5.25 22.35 11.28
N ILE E 92 4.83 22.25 10.02
CA ILE E 92 3.76 23.09 9.55
C ILE E 92 2.46 22.77 10.27
N VAL E 93 2.24 21.49 10.60
CA VAL E 93 1.06 21.12 11.38
C VAL E 93 1.10 21.79 12.75
N SER E 94 2.27 21.74 13.41
CA SER E 94 2.39 22.39 14.71
C SER E 94 2.15 23.89 14.61
N LEU E 95 2.70 24.52 13.57
CA LEU E 95 2.50 25.95 13.36
C LEU E 95 1.02 26.27 13.16
N SER E 96 0.34 25.46 12.34
CA SER E 96 -1.08 25.69 12.10
C SER E 96 -1.90 25.50 13.37
N VAL E 97 -1.54 24.53 14.21
CA VAL E 97 -2.25 24.32 15.47
C VAL E 97 -2.06 25.53 16.39
N ALA E 98 -0.83 26.03 16.50
CA ALA E 98 -0.59 27.19 17.34
C ALA E 98 -1.39 28.39 16.87
N ASP E 99 -1.36 28.65 15.56
CA ASP E 99 -2.09 29.79 15.03
C ASP E 99 -3.60 29.60 15.17
N LEU E 100 -4.07 28.36 15.07
CA LEU E 100 -5.48 28.08 15.28
C LEU E 100 -5.89 28.37 16.72
N ILE E 101 -5.05 27.99 17.69
CA ILE E 101 -5.35 28.34 19.07
C ILE E 101 -5.40 29.86 19.22
N VAL E 102 -4.42 30.56 18.65
CA VAL E 102 -4.42 32.02 18.75
C VAL E 102 -5.71 32.59 18.20
N GLY E 103 -6.16 32.11 17.03
CA GLY E 103 -7.35 32.64 16.41
C GLY E 103 -8.66 32.19 17.03
N ALA E 104 -8.65 31.09 17.77
CA ALA E 104 -9.88 30.54 18.33
C ALA E 104 -10.12 30.92 19.78
N VAL E 105 -9.11 30.87 20.64
CA VAL E 105 -9.29 31.08 22.07
C VAL E 105 -8.81 32.46 22.50
N VAL E 106 -7.74 32.95 21.89
CA VAL E 106 -7.09 34.18 22.36
C VAL E 106 -7.70 35.39 21.68
N MET E 107 -7.71 35.41 20.34
CA MET E 107 -8.13 36.61 19.63
C MET E 107 -9.56 37.02 19.94
N PRO E 108 -10.57 36.13 19.89
CA PRO E 108 -11.95 36.62 20.10
C PRO E 108 -12.15 37.31 21.43
N MET E 109 -11.57 36.78 22.50
CA MET E 109 -11.71 37.42 23.81
C MET E 109 -11.07 38.80 23.81
N ASN E 110 -9.91 38.95 23.14
CA ASN E 110 -9.32 40.27 23.00
C ASN E 110 -10.25 41.22 22.26
N ILE E 111 -10.91 40.72 21.21
CA ILE E 111 -11.87 41.55 20.48
C ILE E 111 -12.99 42.01 21.41
N LEU E 112 -13.51 41.10 22.22
CA LEU E 112 -14.52 41.49 23.20
C LEU E 112 -13.98 42.55 24.16
N TYR E 113 -12.72 42.40 24.56
CA TYR E 113 -12.13 43.33 25.52
C TYR E 113 -12.07 44.75 24.96
N LEU E 114 -11.78 44.89 23.67
CA LEU E 114 -11.76 46.21 23.05
C LEU E 114 -13.16 46.82 23.04
N LEU E 115 -14.17 46.03 22.68
CA LEU E 115 -15.53 46.56 22.54
C LEU E 115 -16.05 47.07 23.88
N MET E 116 -15.86 46.29 24.93
CA MET E 116 -16.44 46.62 26.23
C MET E 116 -15.57 47.56 27.05
N SER E 117 -14.33 47.82 26.62
CA SER E 117 -13.38 48.66 27.34
C SER E 117 -13.09 48.13 28.75
N LYS E 118 -13.50 46.91 29.06
CA LYS E 118 -13.23 46.32 30.37
C LYS E 118 -13.44 44.83 30.27
N TRP E 119 -12.88 44.11 31.24
CA TRP E 119 -12.99 42.65 31.28
C TRP E 119 -14.28 42.29 32.00
N SER E 120 -15.27 41.83 31.24
CA SER E 120 -16.57 41.46 31.79
C SER E 120 -16.68 39.99 32.16
N LEU E 121 -15.64 39.19 31.91
CA LEU E 121 -15.69 37.76 32.15
C LEU E 121 -15.05 37.35 33.47
N GLY E 122 -14.53 38.29 34.25
CA GLY E 122 -14.06 38.00 35.59
C GLY E 122 -12.60 37.54 35.61
N ARG E 123 -12.07 37.46 36.83
CA ARG E 123 -10.67 37.10 37.01
C ARG E 123 -10.32 35.72 36.46
N PRO E 124 -11.09 34.66 36.69
CA PRO E 124 -10.68 33.34 36.17
C PRO E 124 -10.51 33.33 34.67
N LEU E 125 -11.47 33.87 33.93
CA LEU E 125 -11.35 33.90 32.48
C LEU E 125 -10.28 34.88 32.03
N CYS E 126 -10.00 35.92 32.83
CA CYS E 126 -8.84 36.78 32.54
C CYS E 126 -7.56 35.97 32.56
N LEU E 127 -7.34 35.19 33.63
CA LEU E 127 -6.12 34.39 33.70
C LEU E 127 -6.09 33.34 32.59
N PHE E 128 -7.24 32.73 32.30
CA PHE E 128 -7.30 31.75 31.22
C PHE E 128 -6.90 32.37 29.89
N TRP E 129 -7.45 33.54 29.57
CA TRP E 129 -7.16 34.18 28.30
C TRP E 129 -5.69 34.61 28.22
N LEU E 130 -5.15 35.17 29.30
CA LEU E 130 -3.74 35.56 29.27
C LEU E 130 -2.84 34.34 29.07
N SER E 131 -3.12 33.26 29.79
CA SER E 131 -2.29 32.07 29.66
C SER E 131 -2.38 31.49 28.26
N MET E 132 -3.59 31.44 27.68
CA MET E 132 -3.73 30.95 26.32
C MET E 132 -2.99 31.85 25.34
N ASP E 133 -3.08 33.16 25.52
CA ASP E 133 -2.37 34.09 24.65
C ASP E 133 -0.87 33.81 24.67
N TYR E 134 -0.28 33.76 25.86
CA TYR E 134 1.16 33.58 25.94
C TYR E 134 1.57 32.21 25.41
N VAL E 135 0.81 31.17 25.75
CA VAL E 135 1.15 29.82 25.30
C VAL E 135 1.13 29.75 23.78
N ALA E 136 0.06 30.24 23.16
CA ALA E 136 -0.07 30.08 21.71
C ALA E 136 0.92 30.97 20.97
N SER E 137 1.22 32.16 21.49
CA SER E 137 2.20 33.01 20.83
C SER E 137 3.59 32.39 20.89
N THR E 138 3.99 31.94 22.07
CA THR E 138 5.30 31.28 22.17
C THR E 138 5.34 30.03 21.30
N ALA E 139 4.23 29.29 21.22
CA ALA E 139 4.19 28.11 20.37
C ALA E 139 4.38 28.46 18.91
N SER E 140 3.74 29.53 18.46
CA SER E 140 3.92 29.96 17.07
C SER E 140 5.38 30.29 16.79
N ILE E 141 5.99 31.10 17.67
CA ILE E 141 7.36 31.52 17.44
C ILE E 141 8.30 30.31 17.44
N PHE E 142 8.12 29.41 18.39
CA PHE E 142 9.01 28.26 18.47
C PHE E 142 8.76 27.26 17.34
N SER E 143 7.53 27.16 16.86
CA SER E 143 7.26 26.33 15.69
C SER E 143 8.02 26.86 14.48
N VAL E 144 7.99 28.18 14.28
CA VAL E 144 8.74 28.77 13.19
C VAL E 144 10.24 28.48 13.37
N PHE E 145 10.74 28.63 14.59
CA PHE E 145 12.16 28.42 14.83
C PHE E 145 12.58 26.99 14.53
N ILE E 146 11.78 26.01 14.97
CA ILE E 146 12.15 24.61 14.75
C ILE E 146 12.03 24.26 13.28
N LEU E 147 11.04 24.83 12.58
CA LEU E 147 10.96 24.62 11.14
C LEU E 147 12.22 25.15 10.45
N CYS E 148 12.69 26.33 10.85
CA CYS E 148 13.91 26.87 10.27
C CYS E 148 15.11 25.95 10.55
N ILE E 149 15.23 25.47 11.78
CA ILE E 149 16.33 24.56 12.09
C ILE E 149 16.23 23.30 11.24
N ASP E 150 15.02 22.79 11.04
CA ASP E 150 14.83 21.63 10.18
C ASP E 150 15.38 21.90 8.79
N ARG E 151 14.99 23.02 8.19
CA ARG E 151 15.44 23.31 6.83
C ARG E 151 16.96 23.48 6.78
N TYR E 152 17.54 24.15 7.76
CA TYR E 152 18.98 24.37 7.76
C TYR E 152 19.75 23.05 7.87
N ARG E 153 19.37 22.22 8.85
CA ARG E 153 20.04 20.93 8.99
C ARG E 153 19.83 20.05 7.76
N SER E 154 18.66 20.15 7.14
CA SER E 154 18.46 19.44 5.88
C SER E 154 19.47 19.89 4.83
N VAL E 155 19.59 21.19 4.61
CA VAL E 155 20.43 21.67 3.52
C VAL E 155 21.92 21.44 3.78
N GLN E 156 22.41 21.74 4.98
CA GLN E 156 23.85 21.62 5.24
C GLN E 156 24.33 20.19 5.39
N GLN E 157 23.44 19.25 5.71
CA GLN E 157 23.85 17.86 5.90
C GLN E 157 22.75 16.94 5.39
N PRO E 158 22.52 16.88 4.08
CA PRO E 158 21.38 16.10 3.58
C PRO E 158 21.46 14.61 3.90
N LEU E 159 22.56 13.96 3.56
CA LEU E 159 22.65 12.52 3.76
C LEU E 159 22.69 12.16 5.24
N ARG E 160 23.49 12.90 6.03
CA ARG E 160 23.59 12.60 7.45
C ARG E 160 22.24 12.71 8.14
N TYR E 161 21.48 13.75 7.80
CA TYR E 161 20.20 13.98 8.47
C TYR E 161 19.23 12.83 8.23
N LEU E 162 19.31 12.19 7.05
CA LEU E 162 18.44 11.06 6.77
C LEU E 162 18.61 9.95 7.80
N LYS E 163 19.78 9.88 8.43
CA LYS E 163 19.98 8.94 9.54
C LYS E 163 19.24 9.36 10.79
N TYR E 164 18.81 10.63 10.87
CA TYR E 164 18.10 11.12 12.06
C TYR E 164 16.93 12.02 11.67
N ARG E 165 16.35 11.79 10.49
CA ARG E 165 15.17 12.54 10.04
C ARG E 165 13.92 11.68 10.18
N THR E 166 13.87 10.83 11.18
CA THR E 166 12.69 10.01 11.41
C THR E 166 11.55 10.86 11.94
N LYS E 167 10.32 10.52 11.54
CA LYS E 167 9.16 11.24 12.04
C LYS E 167 9.07 11.19 13.55
N THR E 168 9.64 10.16 14.19
CA THR E 168 9.67 10.11 15.64
C THR E 168 10.42 11.30 16.21
N ARG E 169 11.58 11.63 15.64
CA ARG E 169 12.34 12.78 16.12
C ARG E 169 11.60 14.08 15.84
N ALA E 170 10.91 14.18 14.70
CA ALA E 170 10.15 15.39 14.40
C ALA E 170 9.05 15.60 15.43
N SER E 171 8.31 14.54 15.76
CA SER E 171 7.26 14.67 16.77
C SER E 171 7.87 14.97 18.14
N ALA E 172 9.01 14.37 18.45
CA ALA E 172 9.67 14.66 19.72
C ALA E 172 10.03 16.13 19.83
N THR E 173 10.61 16.70 18.76
CA THR E 173 10.97 18.11 18.76
C THR E 173 9.74 18.99 18.85
N ILE E 174 8.68 18.63 18.12
CA ILE E 174 7.45 19.43 18.15
C ILE E 174 6.89 19.47 19.57
N LEU E 175 6.81 18.31 20.22
CA LEU E 175 6.25 18.28 21.57
C LEU E 175 7.18 18.95 22.58
N GLY E 176 8.50 18.89 22.36
CA GLY E 176 9.40 19.63 23.22
C GLY E 176 9.19 21.13 23.09
N ALA E 177 9.01 21.62 21.87
CA ALA E 177 8.74 23.04 21.67
C ALA E 177 7.42 23.44 22.30
N TRP E 178 6.40 22.59 22.16
CA TRP E 178 5.10 22.92 22.75
C TRP E 178 5.16 22.88 24.27
N PHE E 179 5.94 21.96 24.84
CA PHE E 179 6.13 21.96 26.28
C PHE E 179 6.83 23.23 26.74
N LEU E 180 7.87 23.65 26.01
CA LEU E 180 8.55 24.90 26.35
C LEU E 180 7.58 26.06 26.30
N SER E 181 6.72 26.10 25.29
CA SER E 181 5.71 27.16 25.23
C SER E 181 4.75 27.10 26.40
N PHE E 182 4.21 25.91 26.69
CA PHE E 182 3.28 25.77 27.80
C PHE E 182 3.91 26.17 29.13
N LEU E 183 5.23 26.05 29.24
CA LEU E 183 5.91 26.44 30.48
C LEU E 183 5.60 27.88 30.89
N TRP E 184 5.03 28.70 29.99
CA TRP E 184 4.71 30.08 30.31
C TRP E 184 3.64 30.22 31.38
N VAL E 185 2.92 29.14 31.72
CA VAL E 185 1.80 29.27 32.63
C VAL E 185 2.23 29.35 34.09
N ILE E 186 3.46 28.97 34.41
CA ILE E 186 3.92 29.03 35.81
C ILE E 186 3.85 30.46 36.35
N PRO E 187 4.39 31.48 35.69
CA PRO E 187 4.27 32.83 36.24
C PRO E 187 2.87 33.40 36.14
N ILE E 188 2.18 33.19 35.02
CA ILE E 188 0.89 33.85 34.80
C ILE E 188 -0.12 33.45 35.87
N LEU E 189 0.04 32.27 36.47
CA LEU E 189 -0.88 31.79 37.48
C LEU E 189 -0.27 31.69 38.87
N GLY E 190 1.03 31.88 39.01
CA GLY E 190 1.68 31.73 40.31
C GLY E 190 2.74 32.76 40.61
N TRP E 191 2.66 33.92 39.94
CA TRP E 191 3.64 34.97 40.18
C TRP E 191 3.55 35.50 41.62
N ASN E 192 2.33 35.69 42.12
CA ASN E 192 2.15 36.21 43.47
C ASN E 192 2.76 35.28 44.51
N HIS E 193 2.56 33.96 44.34
CA HIS E 193 3.08 33.02 45.31
C HIS E 193 4.61 33.06 45.36
N PHE E 194 5.25 33.17 44.20
CA PHE E 194 6.70 33.24 44.14
C PHE E 194 7.17 34.69 43.97
N ARG E 201 -3.92 46.62 40.62
CA ARG E 201 -4.61 45.72 39.71
C ARG E 201 -6.08 46.11 39.58
N ARG E 202 -6.39 46.86 38.52
CA ARG E 202 -7.79 47.22 38.26
C ARG E 202 -8.57 45.97 37.89
N GLU E 203 -9.79 45.86 38.42
CA GLU E 203 -10.65 44.73 38.12
C GLU E 203 -11.23 44.80 36.72
N ASP E 204 -11.14 45.94 36.05
CA ASP E 204 -11.68 46.11 34.71
C ASP E 204 -10.63 45.91 33.62
N LYS E 205 -9.39 45.61 33.99
CA LYS E 205 -8.30 45.46 33.03
C LYS E 205 -7.60 44.13 33.26
N CYS E 206 -7.49 43.35 32.18
CA CYS E 206 -6.85 42.03 32.21
C CYS E 206 -5.37 42.23 31.92
N GLU E 207 -4.52 41.82 32.85
CA GLU E 207 -3.08 41.94 32.69
C GLU E 207 -2.40 40.95 33.63
N THR E 208 -1.14 40.65 33.33
CA THR E 208 -0.39 39.72 34.15
C THR E 208 0.01 40.38 35.46
N ASP E 209 0.71 39.60 36.30
CA ASP E 209 1.18 40.07 37.59
C ASP E 209 2.63 40.54 37.55
N PHE E 210 3.27 40.50 36.38
CA PHE E 210 4.69 40.83 36.26
C PHE E 210 4.94 41.88 35.19
N TYR E 211 3.87 42.53 34.70
CA TYR E 211 4.00 43.42 33.56
C TYR E 211 4.79 44.69 33.88
N ASP E 212 5.34 44.81 35.10
CA ASP E 212 6.24 45.91 35.43
C ASP E 212 7.47 45.41 36.18
N VAL E 213 7.90 44.18 35.90
CA VAL E 213 9.10 43.60 36.47
C VAL E 213 10.18 43.63 35.39
N THR E 214 11.19 44.48 35.58
CA THR E 214 12.12 44.76 34.49
C THR E 214 12.89 43.52 34.07
N TRP E 215 13.54 42.85 35.03
CA TRP E 215 14.45 41.77 34.68
C TRP E 215 13.70 40.59 34.09
N PHE E 216 12.56 40.23 34.69
CA PHE E 216 11.77 39.12 34.17
C PHE E 216 11.28 39.41 32.76
N LYS E 217 10.77 40.62 32.53
CA LYS E 217 10.29 40.98 31.19
C LYS E 217 11.43 40.93 30.17
N VAL E 218 12.59 41.47 30.54
CA VAL E 218 13.73 41.47 29.61
C VAL E 218 14.15 40.05 29.28
N MET E 219 14.26 39.20 30.30
CA MET E 219 14.69 37.82 30.06
C MET E 219 13.68 37.06 29.20
N THR E 220 12.39 37.23 29.50
CA THR E 220 11.38 36.55 28.69
C THR E 220 11.41 37.05 27.25
N ALA E 221 11.57 38.36 27.05
CA ALA E 221 11.66 38.89 25.69
C ALA E 221 12.86 38.33 24.96
N ILE E 222 14.01 38.25 25.63
CA ILE E 222 15.20 37.70 24.99
C ILE E 222 14.96 36.25 24.59
N ILE E 223 14.40 35.45 25.51
CA ILE E 223 14.20 34.03 25.25
C ILE E 223 13.09 33.77 24.24
N ASN E 224 12.21 34.73 24.00
CA ASN E 224 11.03 34.52 23.18
C ASN E 224 11.17 34.99 21.74
N PHE E 225 11.77 36.15 21.50
CA PHE E 225 11.84 36.71 20.16
C PHE E 225 13.25 36.97 19.67
N TYR E 226 14.11 37.49 20.54
CA TYR E 226 15.39 38.00 20.06
C TYR E 226 16.37 36.89 19.75
N LEU E 227 16.54 35.93 20.66
CA LEU E 227 17.48 34.84 20.36
C LEU E 227 16.97 34.01 19.19
N PRO E 228 15.69 33.62 19.17
CA PRO E 228 15.18 32.94 17.98
C PRO E 228 15.32 33.76 16.71
N THR E 229 15.12 35.08 16.80
CA THR E 229 15.26 35.92 15.62
C THR E 229 16.68 35.92 15.10
N LEU E 230 17.67 36.04 15.98
CA LEU E 230 19.06 36.08 15.56
C LEU E 230 19.48 34.73 14.98
N LEU E 231 19.10 33.63 15.62
CA LEU E 231 19.45 32.32 15.09
C LEU E 231 18.76 32.06 13.75
N MET E 232 17.51 32.51 13.61
CA MET E 232 16.82 32.37 12.33
C MET E 232 17.52 33.16 11.24
N LEU E 233 17.94 34.39 11.54
CA LEU E 233 18.68 35.17 10.56
C LEU E 233 19.95 34.45 10.16
N TRP E 234 20.69 33.93 11.14
CA TRP E 234 21.94 33.23 10.84
C TRP E 234 21.71 32.03 9.93
N PHE E 235 20.75 31.18 10.30
CA PHE E 235 20.56 29.94 9.54
C PHE E 235 19.96 30.21 8.17
N TYR E 236 19.07 31.20 8.05
CA TYR E 236 18.55 31.51 6.73
C TYR E 236 19.59 32.18 5.86
N ALA E 237 20.53 32.92 6.45
CA ALA E 237 21.66 33.44 5.67
C ALA E 237 22.53 32.30 5.16
N LYS E 238 22.81 31.31 6.00
CA LYS E 238 23.58 30.16 5.54
C LYS E 238 22.85 29.40 4.44
N ILE E 239 21.53 29.22 4.59
CA ILE E 239 20.77 28.56 3.55
C ILE E 239 20.82 29.37 2.26
N TYR E 240 20.79 30.70 2.35
CA TYR E 240 20.91 31.52 1.16
C TYR E 240 22.27 31.34 0.51
N LYS E 241 23.33 31.25 1.32
CA LYS E 241 24.65 31.01 0.76
C LYS E 241 24.69 29.70 -0.01
N ALA E 242 24.12 28.64 0.58
CA ALA E 242 24.08 27.35 -0.10
C ALA E 242 23.27 27.43 -1.38
N VAL E 243 22.12 28.10 -1.35
CA VAL E 243 21.29 28.23 -2.54
C VAL E 243 22.03 28.97 -3.63
N ARG E 244 22.73 30.05 -3.27
CA ARG E 244 23.49 30.81 -4.26
C ARG E 244 24.60 29.97 -4.86
N GLN E 245 25.35 29.24 -4.03
CA GLN E 245 26.45 28.44 -4.56
C GLN E 245 25.94 27.33 -5.47
N HIS E 246 24.75 26.80 -5.18
CA HIS E 246 24.17 25.79 -6.05
C HIS E 246 23.67 26.42 -7.35
N CYS E 247 23.09 27.62 -7.27
CA CYS E 247 22.59 28.28 -8.46
C CYS E 247 23.71 28.72 -9.39
N GLN E 248 24.90 28.99 -8.83
CA GLN E 248 26.02 29.41 -9.66
C GLN E 248 26.46 28.34 -10.65
N HIS E 249 26.04 27.09 -10.44
CA HIS E 249 26.40 26.00 -11.35
C HIS E 249 27.91 25.81 -11.38
N ASN E 434 18.57 34.67 -11.92
CA ASN E 434 17.15 34.37 -11.95
C ASN E 434 16.80 33.30 -10.92
N ARG E 435 17.66 32.28 -10.81
CA ARG E 435 17.41 31.20 -9.86
C ARG E 435 17.42 31.73 -8.43
N GLU E 436 18.37 32.59 -8.10
CA GLU E 436 18.43 33.17 -6.76
C GLU E 436 17.30 34.14 -6.49
N ARG E 437 16.59 34.60 -7.53
CA ARG E 437 15.50 35.55 -7.31
C ARG E 437 14.44 34.95 -6.40
N LYS E 438 14.00 33.72 -6.70
CA LYS E 438 12.96 33.10 -5.90
C LYS E 438 13.40 32.87 -4.47
N ALA E 439 14.64 32.39 -4.28
CA ALA E 439 15.13 32.14 -2.94
C ALA E 439 15.22 33.44 -2.14
N ALA E 440 15.75 34.49 -2.74
CA ALA E 440 15.84 35.78 -2.05
C ALA E 440 14.45 36.30 -1.71
N LYS E 441 13.52 36.22 -2.66
CA LYS E 441 12.17 36.70 -2.40
C LYS E 441 11.55 35.95 -1.22
N GLN E 442 11.64 34.62 -1.23
CA GLN E 442 11.00 33.83 -0.18
C GLN E 442 11.62 34.11 1.18
N LEU E 443 12.96 34.08 1.26
CA LEU E 443 13.61 34.32 2.55
C LEU E 443 13.33 35.73 3.06
N GLY E 444 13.39 36.72 2.16
CA GLY E 444 13.06 38.07 2.58
C GLY E 444 11.64 38.18 3.07
N PHE E 445 10.70 37.55 2.37
CA PHE E 445 9.31 37.59 2.81
C PHE E 445 9.16 36.96 4.19
N ILE E 446 9.77 35.80 4.40
CA ILE E 446 9.67 35.13 5.70
C ILE E 446 10.19 36.04 6.80
N MET E 447 11.45 36.45 6.70
CA MET E 447 12.05 37.21 7.79
C MET E 447 11.39 38.57 7.95
N ALA E 448 10.99 39.22 6.86
CA ALA E 448 10.33 40.51 6.96
C ALA E 448 9.01 40.38 7.68
N ALA E 449 8.18 39.40 7.31
CA ALA E 449 6.93 39.20 8.02
C ALA E 449 7.19 38.98 9.50
N PHE E 450 8.09 38.04 9.82
CA PHE E 450 8.35 37.72 11.21
C PHE E 450 8.76 38.96 11.99
N ILE E 451 9.78 39.69 11.52
CA ILE E 451 10.32 40.80 12.29
C ILE E 451 9.34 41.97 12.32
N LEU E 452 8.75 42.32 11.19
CA LEU E 452 7.80 43.42 11.16
C LEU E 452 6.59 43.15 12.03
N CYS E 453 6.25 41.90 12.29
CA CYS E 453 5.09 41.62 13.10
C CYS E 453 5.42 41.45 14.58
N TRP E 454 6.61 40.94 14.92
CA TRP E 454 6.91 40.61 16.30
C TRP E 454 7.88 41.55 17.00
N ILE E 455 8.56 42.45 16.28
CA ILE E 455 9.54 43.31 16.95
C ILE E 455 8.86 44.47 17.67
N PRO E 456 7.82 45.14 17.11
CA PRO E 456 7.21 46.22 17.89
C PRO E 456 6.66 45.77 19.22
N TYR E 457 6.06 44.57 19.26
CA TYR E 457 5.46 44.12 20.50
C TYR E 457 6.50 43.91 21.59
N PHE E 458 7.65 43.33 21.25
CA PHE E 458 8.65 43.10 22.27
C PHE E 458 9.38 44.39 22.65
N ILE E 459 9.45 45.34 21.72
CA ILE E 459 9.91 46.68 22.07
C ILE E 459 9.00 47.27 23.15
N PHE E 460 7.68 47.18 22.94
CA PHE E 460 6.74 47.67 23.95
C PHE E 460 6.89 46.88 25.25
N PHE E 461 7.03 45.57 25.14
CA PHE E 461 7.34 44.71 26.29
C PHE E 461 8.42 45.33 27.15
N MET E 462 9.62 45.50 26.58
CA MET E 462 10.76 45.95 27.37
C MET E 462 10.58 47.39 27.84
N VAL E 463 10.01 48.25 26.98
CA VAL E 463 9.88 49.65 27.35
C VAL E 463 8.95 49.81 28.54
N ILE E 464 7.75 49.21 28.48
CA ILE E 464 6.83 49.34 29.60
C ILE E 464 7.36 48.59 30.81
N ALA E 465 8.21 47.59 30.61
CA ALA E 465 8.93 47.02 31.75
C ALA E 465 9.82 48.07 32.40
N PHE E 466 10.50 48.88 31.59
CA PHE E 466 11.36 49.94 32.13
C PHE E 466 10.54 51.13 32.59
N CYS E 467 9.58 51.57 31.78
CA CYS E 467 8.89 52.83 32.05
C CYS E 467 8.17 52.80 33.40
N LYS E 468 7.65 51.63 33.80
CA LYS E 468 6.81 51.51 34.98
C LYS E 468 5.49 52.27 34.81
N ASN E 469 4.73 51.92 33.77
CA ASN E 469 3.34 52.32 33.60
C ASN E 469 3.15 53.76 33.14
N CYS E 470 4.11 54.34 32.42
CA CYS E 470 3.93 55.67 31.85
C CYS E 470 3.42 55.63 30.41
N CYS E 471 3.19 54.45 29.85
CA CYS E 471 2.81 54.32 28.46
C CYS E 471 1.29 54.19 28.31
N ASN E 472 0.82 54.40 27.09
CA ASN E 472 -0.59 54.30 26.76
C ASN E 472 -0.98 52.83 26.59
N GLU E 473 -2.29 52.58 26.66
CA GLU E 473 -2.82 51.24 26.46
C GLU E 473 -3.18 50.96 25.01
N HIS E 474 -3.59 51.98 24.26
CA HIS E 474 -3.93 51.76 22.86
C HIS E 474 -2.73 51.26 22.06
N LEU E 475 -1.53 51.74 22.41
CA LEU E 475 -0.33 51.24 21.76
C LEU E 475 -0.16 49.74 21.98
N HIS E 476 -0.41 49.28 23.20
CA HIS E 476 -0.26 47.86 23.52
C HIS E 476 -1.10 46.99 22.57
N MET E 477 -2.37 47.31 22.43
CA MET E 477 -3.27 46.47 21.65
C MET E 477 -2.88 46.47 20.18
N PHE E 478 -2.35 47.58 19.67
CA PHE E 478 -1.87 47.59 18.29
C PHE E 478 -0.75 46.59 18.08
N THR E 479 0.23 46.57 18.97
CA THR E 479 1.33 45.62 18.83
C THR E 479 0.83 44.19 18.96
N ILE E 480 -0.07 43.94 19.91
CA ILE E 480 -0.59 42.59 20.08
C ILE E 480 -1.37 42.15 18.83
N TRP E 481 -2.07 43.09 18.20
CA TRP E 481 -2.80 42.73 16.99
C TRP E 481 -1.86 42.50 15.82
N LEU E 482 -0.73 43.19 15.78
CA LEU E 482 0.31 42.84 14.81
C LEU E 482 0.79 41.41 15.04
N GLY E 483 1.03 41.07 16.30
CA GLY E 483 1.46 39.71 16.62
C GLY E 483 0.44 38.67 16.20
N TYR E 484 -0.85 39.02 16.30
CA TYR E 484 -1.90 38.09 15.87
C TYR E 484 -1.97 38.00 14.35
N ILE E 485 -1.79 39.13 13.65
CA ILE E 485 -1.76 39.09 12.21
C ILE E 485 -0.59 38.23 11.73
N ASN E 486 0.47 38.14 12.53
CA ASN E 486 1.56 37.24 12.18
C ASN E 486 1.08 35.80 12.04
N SER E 487 0.31 35.32 13.02
CA SER E 487 -0.23 33.97 12.94
C SER E 487 -1.29 33.87 11.86
N THR E 488 -1.97 34.98 11.56
CA THR E 488 -2.89 34.98 10.42
C THR E 488 -2.14 34.74 9.11
N LEU E 489 -0.96 35.36 8.96
CA LEU E 489 -0.21 35.30 7.71
C LEU E 489 0.65 34.05 7.61
N ASN E 490 0.99 33.41 8.73
CA ASN E 490 1.87 32.24 8.66
C ASN E 490 1.39 31.19 7.68
N PRO E 491 0.11 30.84 7.61
CA PRO E 491 -0.34 29.88 6.58
C PRO E 491 -0.11 30.34 5.15
N LEU E 492 0.13 31.63 4.93
CA LEU E 492 0.32 32.16 3.59
C LEU E 492 1.78 32.19 3.17
N ILE E 493 2.69 31.66 3.97
CA ILE E 493 4.12 31.72 3.66
C ILE E 493 4.70 30.32 3.57
N TYR E 494 4.55 29.54 4.64
CA TYR E 494 5.25 28.25 4.74
C TYR E 494 4.58 27.17 3.90
N PRO E 495 3.27 26.95 4.03
CA PRO E 495 2.63 25.88 3.25
C PRO E 495 2.33 26.25 1.81
N LEU E 496 2.18 27.53 1.49
CA LEU E 496 1.91 27.94 0.12
C LEU E 496 3.13 27.82 -0.79
N CYS E 497 4.32 27.67 -0.22
CA CYS E 497 5.54 27.56 -1.02
C CYS E 497 5.84 26.12 -1.43
N ASN E 498 4.98 25.17 -1.08
CA ASN E 498 5.16 23.77 -1.43
C ASN E 498 4.14 23.37 -2.48
N GLU E 499 4.60 22.69 -3.52
CA GLU E 499 3.70 22.35 -4.63
C GLU E 499 2.59 21.41 -4.17
N ASN E 500 2.92 20.43 -3.33
CA ASN E 500 1.90 19.48 -2.89
C ASN E 500 0.81 20.18 -2.10
N PHE E 501 1.20 21.10 -1.21
CA PHE E 501 0.21 21.86 -0.46
C PHE E 501 -0.71 22.65 -1.37
N LYS E 502 -0.13 23.30 -2.39
CA LYS E 502 -0.93 24.09 -3.31
C LYS E 502 -1.91 23.20 -4.08
N LYS E 503 -1.45 22.03 -4.54
CA LYS E 503 -2.34 21.12 -5.24
C LYS E 503 -3.46 20.64 -4.33
N THR E 504 -3.12 20.28 -3.10
CA THR E 504 -4.14 19.83 -2.15
C THR E 504 -5.19 20.91 -1.92
N PHE E 505 -4.75 22.16 -1.76
CA PHE E 505 -5.71 23.25 -1.57
C PHE E 505 -6.54 23.46 -2.82
N LYS E 506 -5.93 23.36 -4.00
CA LYS E 506 -6.68 23.54 -5.24
C LYS E 506 -7.78 22.49 -5.38
N ARG E 507 -7.47 21.24 -5.05
CA ARG E 507 -8.48 20.19 -5.18
C ARG E 507 -9.69 20.49 -4.31
N ILE E 508 -9.47 20.94 -3.09
CA ILE E 508 -10.56 21.23 -2.16
C ILE E 508 -11.24 22.53 -2.56
N HSM F . 0.18 37.66 22.20
CA HSM F . 1.07 37.17 23.27
CB HSM F . 2.46 37.77 23.15
CG HSM F . 3.47 37.11 24.03
ND1 HSM F . 4.24 37.85 24.91
CD2 HSM F . 3.81 35.79 24.12
CE1 HSM F . 5.03 36.95 25.50
NE2 HSM F . 4.80 35.72 25.06
#